data_8RJ0
#
_entry.id   8RJ0
#
_cell.length_a   75.866
_cell.length_b   98.992
_cell.length_c   136.451
_cell.angle_alpha   90.00
_cell.angle_beta   90.00
_cell.angle_gamma   90.00
#
_symmetry.space_group_name_H-M   'P 21 2 21'
#
loop_
_entity.id
_entity.type
_entity.pdbx_description
1 polymer 'Aspartate ammonia-lyase'
2 non-polymer 'TRIETHYLENE GLYCOL'
3 non-polymer 'SODIUM ION'
4 water water
#
_entity_poly.entity_id   1
_entity_poly.type   'polypeptide(L)'
_entity_poly.pdbx_seq_one_letter_code
;MNTDVRIEKDFLGEKEIPKDAYYGVQTIRATENFPITGYRIHPELIKSLGIVKKSAALANMEVGLLDKEVGQYIVKAADE
VIEGKWNDQFIVDPIQGGAGTSINMNANEVIANRALELMGEEKGNYSKISPNSHVNMSQSTNDAFPTATHIAVLSLLNQL
IETTKYMQQEFMKKADEFAGVIKMGRIHLQDAVPILLGQEFEAYARVIARDIERIANTRNNLYDINMGATAVGTGLNADP
EYISIVTEHLAKFSGHPLRSAQHLVDATQNTDCYTEVSSALKVCMINMSKIANDLRLMASGPRAGLSEIVLPARQPGSSI
IPGMVCPVMPEVMNQVAFQVFGNDLTITSASEAGQFELNVMEPVLFFNLIQSISIMTNVFKSFTENCLKGIKANEERMKE
YVEKSIGIITAINPHVGYETASKLAREADLTGESIRELCIKYGVLTEEQLNEILNPYEMIHPGIAGRK
;
_entity_poly.pdbx_strand_id   A,B
#
loop_
_chem_comp.id
_chem_comp.type
_chem_comp.name
_chem_comp.formula
NA non-polymer 'SODIUM ION' 'Na 1'
PGE non-polymer 'TRIETHYLENE GLYCOL' 'C6 H14 O4'
#
# COMPACT_ATOMS: atom_id res chain seq x y z
N ASP A 4 -9.71 -23.23 -45.52
CA ASP A 4 -8.85 -22.42 -44.62
C ASP A 4 -9.62 -21.78 -43.47
N VAL A 5 -10.95 -21.69 -43.53
CA VAL A 5 -11.73 -21.18 -42.41
C VAL A 5 -12.84 -22.16 -42.08
N ARG A 6 -13.33 -22.09 -40.84
CA ARG A 6 -14.60 -22.67 -40.42
C ARG A 6 -15.48 -21.51 -39.99
N ILE A 7 -16.76 -21.80 -39.74
CA ILE A 7 -17.71 -20.79 -39.35
C ILE A 7 -18.24 -21.15 -37.97
N GLU A 8 -18.21 -20.20 -37.02
CA GLU A 8 -18.81 -20.41 -35.72
C GLU A 8 -19.82 -19.29 -35.48
N LYS A 9 -20.58 -19.40 -34.40
CA LYS A 9 -21.76 -18.57 -34.17
C LYS A 9 -21.90 -18.39 -32.66
N ASP A 10 -22.23 -17.17 -32.24
CA ASP A 10 -22.64 -16.91 -30.87
C ASP A 10 -23.96 -16.14 -30.95
N PHE A 11 -24.47 -15.71 -29.81
CA PHE A 11 -25.60 -14.81 -29.64
C PHE A 11 -25.64 -13.69 -30.68
N LEU A 12 -24.47 -13.18 -31.16
CA LEU A 12 -24.44 -12.02 -32.05
C LEU A 12 -24.33 -12.40 -33.54
N GLY A 13 -24.08 -13.64 -33.84
CA GLY A 13 -23.97 -14.02 -35.23
C GLY A 13 -22.72 -14.85 -35.47
N GLU A 14 -22.33 -14.90 -36.75
CA GLU A 14 -21.38 -15.88 -37.22
C GLU A 14 -20.10 -15.17 -37.61
N LYS A 15 -19.00 -15.89 -37.46
CA LYS A 15 -17.70 -15.36 -37.83
C LYS A 15 -16.86 -16.46 -38.45
N GLU A 16 -15.91 -16.05 -39.29
CA GLU A 16 -14.89 -16.95 -39.80
C GLU A 16 -13.73 -17.08 -38.82
N ILE A 17 -13.31 -18.32 -38.56
CA ILE A 17 -12.16 -18.63 -37.73
C ILE A 17 -11.18 -19.46 -38.56
N PRO A 18 -9.84 -19.19 -38.53
CA PRO A 18 -8.88 -20.07 -39.19
C PRO A 18 -9.08 -21.52 -38.77
N LYS A 19 -9.06 -22.39 -39.80
CA LYS A 19 -9.41 -23.78 -39.65
C LYS A 19 -8.58 -24.43 -38.55
N ASP A 20 -7.28 -24.08 -38.45
CA ASP A 20 -6.36 -24.70 -37.50
C ASP A 20 -6.36 -24.04 -36.12
N ALA A 21 -7.21 -23.01 -35.89
CA ALA A 21 -7.22 -22.32 -34.60
C ALA A 21 -8.03 -23.04 -33.54
N TYR A 22 -7.62 -22.93 -32.26
CA TYR A 22 -8.34 -23.54 -31.17
C TYR A 22 -9.25 -22.54 -30.50
N TYR A 23 -8.95 -21.26 -30.69
CA TYR A 23 -9.87 -20.22 -30.26
C TYR A 23 -11.06 -20.20 -31.23
N GLY A 24 -12.10 -19.43 -30.84
CA GLY A 24 -13.37 -19.39 -31.55
C GLY A 24 -13.90 -17.98 -31.74
N VAL A 25 -15.22 -17.91 -31.91
CA VAL A 25 -15.90 -16.72 -32.34
C VAL A 25 -15.77 -15.59 -31.29
N GLN A 26 -15.93 -15.90 -30.01
CA GLN A 26 -15.94 -14.84 -29.01
C GLN A 26 -14.50 -14.29 -28.88
N THR A 27 -13.51 -15.17 -29.00
CA THR A 27 -12.12 -14.75 -29.08
C THR A 27 -11.80 -13.84 -30.27
N ILE A 28 -12.25 -14.19 -31.48
CA ILE A 28 -11.90 -13.40 -32.66
C ILE A 28 -12.54 -12.03 -32.53
N ARG A 29 -13.76 -11.98 -32.00
CA ARG A 29 -14.41 -10.68 -31.85
C ARG A 29 -13.56 -9.76 -30.95
N ALA A 30 -13.07 -10.30 -29.81
CA ALA A 30 -12.18 -9.56 -28.92
C ALA A 30 -10.94 -9.04 -29.65
N THR A 31 -10.40 -9.78 -30.62
CA THR A 31 -9.19 -9.33 -31.31
C THR A 31 -9.52 -8.19 -32.25
N GLU A 32 -10.76 -8.10 -32.76
CA GLU A 32 -11.17 -6.92 -33.49
C GLU A 32 -11.49 -5.76 -32.53
N ASN A 33 -12.11 -6.05 -31.40
CA ASN A 33 -12.58 -4.98 -30.54
C ASN A 33 -11.39 -4.27 -29.84
N PHE A 34 -10.39 -5.04 -29.38
CA PHE A 34 -9.33 -4.48 -28.54
C PHE A 34 -7.92 -4.71 -29.11
N PRO A 35 -7.52 -4.11 -30.27
CA PRO A 35 -6.13 -4.23 -30.75
C PRO A 35 -5.28 -3.10 -30.12
N ILE A 36 -5.06 -3.20 -28.80
CA ILE A 36 -4.59 -2.05 -28.05
C ILE A 36 -3.08 -2.07 -27.87
N THR A 37 -2.55 -3.13 -27.23
CA THR A 37 -1.12 -3.23 -26.88
C THR A 37 -0.37 -4.18 -27.80
N GLY A 38 -1.04 -5.21 -28.28
CA GLY A 38 -0.38 -6.29 -28.98
C GLY A 38 0.26 -7.30 -28.02
N TYR A 39 0.17 -7.09 -26.70
CA TYR A 39 0.72 -8.05 -25.75
C TYR A 39 -0.20 -9.24 -25.58
N ARG A 40 0.29 -10.26 -24.92
CA ARG A 40 -0.47 -11.48 -24.63
C ARG A 40 -0.60 -11.55 -23.13
N ILE A 41 -1.61 -12.21 -22.57
CA ILE A 41 -1.66 -12.37 -21.13
C ILE A 41 -0.51 -13.23 -20.62
N HIS A 42 -0.05 -12.97 -19.40
CA HIS A 42 1.04 -13.72 -18.81
C HIS A 42 0.77 -15.23 -18.81
N PRO A 43 1.76 -16.05 -19.19
CA PRO A 43 1.67 -17.51 -19.16
C PRO A 43 1.16 -18.10 -17.85
N GLU A 44 1.49 -17.49 -16.70
CA GLU A 44 0.95 -17.98 -15.46
C GLU A 44 -0.57 -17.79 -15.36
N LEU A 45 -1.11 -16.73 -15.96
CA LEU A 45 -2.55 -16.55 -15.96
C LEU A 45 -3.19 -17.62 -16.87
N ILE A 46 -2.53 -17.94 -17.98
CA ILE A 46 -3.07 -18.96 -18.88
C ILE A 46 -3.14 -20.28 -18.11
N LYS A 47 -2.03 -20.63 -17.48
CA LYS A 47 -1.95 -21.80 -16.64
C LYS A 47 -3.09 -21.87 -15.61
N SER A 48 -3.31 -20.77 -14.89
CA SER A 48 -4.30 -20.71 -13.82
C SER A 48 -5.71 -20.84 -14.40
N LEU A 49 -5.98 -20.31 -15.58
CA LEU A 49 -7.28 -20.46 -16.24
C LEU A 49 -7.52 -21.96 -16.46
N GLY A 50 -6.46 -22.66 -16.87
CA GLY A 50 -6.55 -24.08 -17.10
C GLY A 50 -6.86 -24.82 -15.81
N ILE A 51 -6.26 -24.39 -14.69
CA ILE A 51 -6.59 -24.98 -13.42
C ILE A 51 -8.06 -24.77 -13.08
N VAL A 52 -8.56 -23.55 -13.36
CA VAL A 52 -9.95 -23.24 -13.06
C VAL A 52 -10.90 -24.14 -13.86
N LYS A 53 -10.70 -24.23 -15.16
CA LYS A 53 -11.61 -25.00 -15.99
C LYS A 53 -11.52 -26.50 -15.72
N LYS A 54 -10.33 -26.99 -15.41
CA LYS A 54 -10.20 -28.38 -14.99
C LYS A 54 -11.02 -28.62 -13.73
N SER A 55 -10.82 -27.73 -12.76
CA SER A 55 -11.44 -27.88 -11.45
C SER A 55 -12.95 -27.84 -11.56
N ALA A 56 -13.45 -26.97 -12.43
CA ALA A 56 -14.88 -26.83 -12.59
C ALA A 56 -15.46 -28.08 -13.30
N ALA A 57 -14.79 -28.58 -14.32
CA ALA A 57 -15.23 -29.77 -15.03
C ALA A 57 -15.31 -30.98 -14.09
N LEU A 58 -14.32 -31.16 -13.19
CA LEU A 58 -14.36 -32.23 -12.21
C LEU A 58 -15.55 -32.06 -11.28
N ALA A 59 -15.81 -30.84 -10.81
CA ALA A 59 -16.85 -30.64 -9.82
C ALA A 59 -18.24 -30.85 -10.43
N ASN A 60 -18.41 -30.39 -11.68
CA ASN A 60 -19.65 -30.48 -12.39
C ASN A 60 -19.96 -31.98 -12.66
N MET A 61 -18.95 -32.78 -13.03
CA MET A 61 -19.08 -34.22 -13.19
C MET A 61 -19.47 -34.89 -11.88
N GLU A 62 -18.74 -34.61 -10.83
CA GLU A 62 -19.04 -35.19 -9.55
C GLU A 62 -20.46 -34.92 -9.11
N VAL A 63 -21.04 -33.80 -9.51
CA VAL A 63 -22.34 -33.43 -8.98
C VAL A 63 -23.42 -33.85 -9.99
N GLY A 64 -22.99 -34.55 -11.03
CA GLY A 64 -23.90 -35.07 -12.03
C GLY A 64 -24.40 -34.05 -13.02
N LEU A 65 -23.75 -32.88 -13.15
CA LEU A 65 -24.30 -31.87 -14.08
C LEU A 65 -23.67 -32.02 -15.46
N LEU A 66 -22.45 -32.54 -15.51
CA LEU A 66 -21.72 -32.67 -16.75
C LEU A 66 -21.50 -34.15 -17.08
N ASP A 67 -21.72 -34.51 -18.35
CA ASP A 67 -21.46 -35.82 -18.93
C ASP A 67 -20.04 -36.27 -18.60
N LYS A 68 -19.89 -37.48 -18.04
CA LYS A 68 -18.59 -37.98 -17.63
C LYS A 68 -17.66 -38.06 -18.83
N GLU A 69 -18.15 -38.55 -19.96
CA GLU A 69 -17.27 -38.70 -21.10
C GLU A 69 -16.81 -37.35 -21.62
N VAL A 70 -17.73 -36.39 -21.83
CA VAL A 70 -17.34 -35.09 -22.39
C VAL A 70 -16.41 -34.38 -21.39
N GLY A 71 -16.77 -34.41 -20.12
CA GLY A 71 -15.97 -33.89 -19.02
C GLY A 71 -14.53 -34.39 -19.03
N GLN A 72 -14.30 -35.67 -19.38
CA GLN A 72 -12.97 -36.25 -19.35
C GLN A 72 -12.09 -35.62 -20.43
N TYR A 73 -12.65 -35.35 -21.61
CA TYR A 73 -11.88 -34.71 -22.67
C TYR A 73 -11.63 -33.23 -22.30
N ILE A 74 -12.61 -32.57 -21.65
CA ILE A 74 -12.45 -31.16 -21.26
C ILE A 74 -11.24 -31.12 -20.33
N VAL A 75 -11.20 -32.04 -19.35
CA VAL A 75 -10.13 -32.14 -18.36
C VAL A 75 -8.78 -32.37 -19.04
N LYS A 76 -8.69 -33.29 -20.02
CA LYS A 76 -7.39 -33.53 -20.64
C LYS A 76 -6.91 -32.29 -21.41
N ALA A 77 -7.84 -31.61 -22.09
CA ALA A 77 -7.50 -30.40 -22.83
C ALA A 77 -7.05 -29.30 -21.83
N ALA A 78 -7.76 -29.18 -20.71
CA ALA A 78 -7.40 -28.23 -19.67
C ALA A 78 -5.99 -28.52 -19.18
N ASP A 79 -5.61 -29.80 -19.06
CA ASP A 79 -4.30 -30.16 -18.50
C ASP A 79 -3.19 -29.72 -19.44
N GLU A 80 -3.45 -29.83 -20.73
CA GLU A 80 -2.48 -29.34 -21.70
C GLU A 80 -2.30 -27.82 -21.55
N VAL A 81 -3.41 -27.12 -21.30
CA VAL A 81 -3.33 -25.66 -21.13
C VAL A 81 -2.47 -25.39 -19.92
N ILE A 82 -2.74 -26.11 -18.80
CA ILE A 82 -2.01 -26.00 -17.56
C ILE A 82 -0.50 -26.21 -17.75
N GLU A 83 -0.11 -27.15 -18.60
CA GLU A 83 1.28 -27.50 -18.79
C GLU A 83 1.94 -26.55 -19.78
N GLY A 84 1.19 -25.61 -20.35
CA GLY A 84 1.82 -24.56 -21.12
C GLY A 84 1.93 -24.92 -22.59
N LYS A 85 1.05 -25.80 -23.04
CA LYS A 85 1.15 -26.29 -24.40
C LYS A 85 0.40 -25.42 -25.38
N TRP A 86 -0.47 -24.51 -24.89
CA TRP A 86 -1.34 -23.81 -25.79
C TRP A 86 -1.30 -22.29 -25.60
N ASN A 87 -0.18 -21.75 -25.13
CA ASN A 87 -0.08 -20.35 -24.83
C ASN A 87 -0.34 -19.52 -26.08
N ASP A 88 0.03 -20.03 -27.27
CA ASP A 88 -0.09 -19.28 -28.52
C ASP A 88 -1.52 -19.08 -28.99
N GLN A 89 -2.48 -19.86 -28.43
CA GLN A 89 -3.89 -19.78 -28.75
C GLN A 89 -4.59 -18.72 -27.87
N PHE A 90 -3.86 -18.15 -26.92
CA PHE A 90 -4.42 -17.08 -26.08
C PHE A 90 -3.97 -15.74 -26.65
N ILE A 91 -4.84 -15.14 -27.46
CA ILE A 91 -4.41 -14.07 -28.35
C ILE A 91 -5.05 -12.77 -27.91
N VAL A 92 -5.91 -12.77 -26.89
CA VAL A 92 -6.65 -11.54 -26.62
C VAL A 92 -5.72 -10.58 -25.91
N ASP A 93 -6.04 -9.29 -26.01
CA ASP A 93 -5.20 -8.24 -25.45
C ASP A 93 -5.40 -8.16 -23.93
N PRO A 94 -4.36 -7.90 -23.14
CA PRO A 94 -4.57 -7.80 -21.69
C PRO A 94 -5.47 -6.61 -21.36
N ILE A 95 -5.40 -5.57 -22.19
CA ILE A 95 -6.28 -4.43 -21.99
C ILE A 95 -7.48 -4.56 -22.90
N GLN A 96 -8.64 -4.81 -22.29
CA GLN A 96 -9.83 -5.24 -23.01
C GLN A 96 -11.06 -4.86 -22.19
N GLY A 97 -12.08 -4.36 -22.91
CA GLY A 97 -13.41 -4.24 -22.35
C GLY A 97 -14.05 -5.61 -22.20
N GLY A 98 -15.16 -5.62 -21.47
CA GLY A 98 -15.85 -6.88 -21.20
C GLY A 98 -15.57 -7.50 -19.86
N ALA A 99 -14.72 -6.84 -19.06
CA ALA A 99 -14.45 -7.25 -17.68
C ALA A 99 -13.75 -8.58 -17.59
N GLY A 100 -13.18 -9.07 -18.70
CA GLY A 100 -12.45 -10.31 -18.62
C GLY A 100 -13.24 -11.45 -19.30
N THR A 101 -14.46 -11.19 -19.73
CA THR A 101 -15.20 -12.15 -20.55
C THR A 101 -14.35 -12.73 -21.68
N SER A 102 -13.63 -11.88 -22.40
CA SER A 102 -12.87 -12.32 -23.56
C SER A 102 -11.74 -13.24 -23.18
N ILE A 103 -11.14 -13.03 -22.00
CA ILE A 103 -10.14 -13.95 -21.50
C ILE A 103 -10.81 -15.27 -21.09
N ASN A 104 -11.96 -15.21 -20.38
CA ASN A 104 -12.62 -16.44 -19.99
C ASN A 104 -13.02 -17.25 -21.23
N MET A 105 -13.49 -16.57 -22.26
CA MET A 105 -13.97 -17.16 -23.49
C MET A 105 -12.82 -17.74 -24.29
N ASN A 106 -11.68 -17.04 -24.29
CA ASN A 106 -10.49 -17.57 -24.94
C ASN A 106 -10.14 -18.93 -24.30
N ALA A 107 -10.21 -19.03 -22.96
CA ALA A 107 -10.00 -20.31 -22.30
C ALA A 107 -11.09 -21.32 -22.71
N ASN A 108 -12.38 -20.94 -22.61
CA ASN A 108 -13.49 -21.85 -22.85
C ASN A 108 -13.40 -22.41 -24.27
N GLU A 109 -13.01 -21.56 -25.25
CA GLU A 109 -13.01 -21.92 -26.65
C GLU A 109 -11.85 -22.86 -26.95
N VAL A 110 -10.65 -22.52 -26.48
CA VAL A 110 -9.44 -23.30 -26.70
C VAL A 110 -9.63 -24.68 -26.11
N ILE A 111 -10.16 -24.71 -24.89
CA ILE A 111 -10.34 -25.99 -24.22
C ILE A 111 -11.40 -26.82 -24.97
N ALA A 112 -12.51 -26.19 -25.41
CA ALA A 112 -13.63 -26.92 -25.98
C ALA A 112 -13.14 -27.55 -27.27
N ASN A 113 -12.44 -26.75 -28.07
CA ASN A 113 -11.97 -27.15 -29.38
C ASN A 113 -10.90 -28.23 -29.30
N ARG A 114 -10.03 -28.14 -28.30
CA ARG A 114 -9.01 -29.15 -28.16
C ARG A 114 -9.65 -30.45 -27.67
N ALA A 115 -10.64 -30.34 -26.77
CA ALA A 115 -11.38 -31.48 -26.31
C ALA A 115 -12.10 -32.19 -27.48
N LEU A 116 -12.63 -31.40 -28.41
CA LEU A 116 -13.32 -31.91 -29.58
C LEU A 116 -12.32 -32.69 -30.44
N GLU A 117 -11.14 -32.09 -30.69
CA GLU A 117 -10.08 -32.73 -31.44
C GLU A 117 -9.65 -34.02 -30.75
N LEU A 118 -9.61 -34.05 -29.41
CA LEU A 118 -9.24 -35.27 -28.72
C LEU A 118 -10.31 -36.36 -28.83
N MET A 119 -11.57 -36.03 -29.11
CA MET A 119 -12.53 -37.12 -29.27
C MET A 119 -12.83 -37.32 -30.75
N GLY A 120 -11.98 -36.76 -31.64
CA GLY A 120 -12.05 -37.01 -33.06
C GLY A 120 -13.15 -36.20 -33.75
N GLU A 121 -13.65 -35.16 -33.08
CA GLU A 121 -14.65 -34.29 -33.68
C GLU A 121 -13.96 -33.10 -34.35
N GLU A 122 -14.76 -32.32 -35.11
CA GLU A 122 -14.33 -31.10 -35.75
C GLU A 122 -14.33 -29.97 -34.72
N LYS A 123 -13.25 -29.20 -34.69
CA LYS A 123 -13.27 -27.89 -34.03
C LYS A 123 -14.47 -27.10 -34.52
N GLY A 124 -15.14 -26.39 -33.59
CA GLY A 124 -16.31 -25.61 -33.94
C GLY A 124 -17.63 -26.34 -33.68
N ASN A 125 -17.58 -27.65 -33.38
CA ASN A 125 -18.79 -28.43 -33.19
C ASN A 125 -19.27 -28.30 -31.75
N TYR A 126 -19.89 -27.16 -31.48
CA TYR A 126 -20.27 -26.79 -30.14
C TYR A 126 -21.53 -27.54 -29.74
N SER A 127 -22.14 -28.25 -30.71
CA SER A 127 -23.22 -29.16 -30.40
C SER A 127 -22.72 -30.28 -29.50
N LYS A 128 -21.48 -30.74 -29.72
CA LYS A 128 -20.92 -31.83 -28.93
C LYS A 128 -20.24 -31.31 -27.65
N ILE A 129 -19.42 -30.26 -27.78
CA ILE A 129 -18.79 -29.62 -26.61
C ILE A 129 -18.85 -28.10 -26.76
N SER A 130 -19.66 -27.46 -25.89
CA SER A 130 -19.95 -26.05 -25.93
C SER A 130 -19.01 -25.26 -24.97
N PRO A 131 -18.26 -24.24 -25.47
CA PRO A 131 -17.53 -23.30 -24.61
C PRO A 131 -18.41 -22.76 -23.49
N ASN A 132 -19.64 -22.34 -23.82
CA ASN A 132 -20.56 -21.80 -22.82
C ASN A 132 -21.20 -22.85 -21.90
N SER A 133 -21.83 -23.87 -22.51
CA SER A 133 -22.70 -24.81 -21.80
C SER A 133 -21.92 -25.85 -21.06
N HIS A 134 -20.79 -26.28 -21.61
CA HIS A 134 -20.00 -27.29 -20.93
C HIS A 134 -18.76 -26.72 -20.22
N VAL A 135 -17.88 -25.99 -20.94
CA VAL A 135 -16.60 -25.61 -20.35
C VAL A 135 -16.85 -24.51 -19.31
N ASN A 136 -17.91 -23.70 -19.49
CA ASN A 136 -18.24 -22.60 -18.59
C ASN A 136 -19.36 -22.98 -17.61
N MET A 137 -19.69 -24.28 -17.52
CA MET A 137 -20.87 -24.71 -16.79
C MET A 137 -20.73 -24.33 -15.33
N SER A 138 -21.82 -23.84 -14.75
CA SER A 138 -21.93 -23.47 -13.35
C SER A 138 -21.09 -22.20 -13.02
N GLN A 139 -20.54 -21.51 -14.02
CA GLN A 139 -19.61 -20.40 -13.80
C GLN A 139 -20.09 -19.12 -14.49
N SER A 140 -19.37 -18.06 -14.21
CA SER A 140 -19.40 -16.76 -14.87
C SER A 140 -17.97 -16.30 -15.15
N THR A 141 -17.81 -15.35 -16.06
CA THR A 141 -16.59 -14.59 -16.11
C THR A 141 -16.21 -14.16 -14.70
N ASN A 142 -17.20 -13.74 -13.92
CA ASN A 142 -17.02 -12.92 -12.73
C ASN A 142 -16.64 -13.78 -11.53
N ASP A 143 -16.57 -15.12 -11.74
CA ASP A 143 -15.92 -15.95 -10.77
C ASP A 143 -14.72 -16.68 -11.38
N ALA A 144 -14.84 -17.20 -12.59
CA ALA A 144 -13.73 -17.91 -13.19
C ALA A 144 -12.52 -16.98 -13.36
N PHE A 145 -12.72 -15.78 -13.89
CA PHE A 145 -11.62 -14.89 -14.23
C PHE A 145 -10.91 -14.40 -12.96
N PRO A 146 -11.57 -13.79 -11.98
CA PRO A 146 -10.88 -13.49 -10.73
C PRO A 146 -10.23 -14.66 -10.01
N THR A 147 -10.85 -15.86 -10.08
CA THR A 147 -10.33 -16.97 -9.31
C THR A 147 -8.99 -17.35 -9.93
N ALA A 148 -8.97 -17.37 -11.26
CA ALA A 148 -7.76 -17.64 -11.99
C ALA A 148 -6.68 -16.60 -11.68
N THR A 149 -7.09 -15.34 -11.60
CA THR A 149 -6.16 -14.26 -11.28
C THR A 149 -5.63 -14.42 -9.87
N HIS A 150 -6.49 -14.74 -8.89
CA HIS A 150 -6.00 -14.93 -7.52
C HIS A 150 -4.90 -16.00 -7.55
N ILE A 151 -5.13 -17.11 -8.28
CA ILE A 151 -4.19 -18.21 -8.29
C ILE A 151 -2.88 -17.80 -8.97
N ALA A 152 -2.97 -17.07 -10.12
CA ALA A 152 -1.81 -16.62 -10.86
C ALA A 152 -0.95 -15.66 -10.02
N VAL A 153 -1.62 -14.73 -9.36
CA VAL A 153 -0.95 -13.71 -8.56
C VAL A 153 -0.28 -14.37 -7.37
N LEU A 154 -0.99 -15.27 -6.70
CA LEU A 154 -0.40 -16.02 -5.60
C LEU A 154 0.87 -16.75 -6.05
N SER A 155 0.81 -17.45 -7.16
CA SER A 155 1.98 -18.17 -7.67
C SER A 155 3.12 -17.20 -7.98
N LEU A 156 2.81 -16.08 -8.66
CA LEU A 156 3.85 -15.12 -8.95
C LEU A 156 4.41 -14.45 -7.70
N LEU A 157 3.59 -14.22 -6.67
CA LEU A 157 4.06 -13.61 -5.44
C LEU A 157 5.01 -14.55 -4.74
N ASN A 158 4.68 -15.84 -4.79
CA ASN A 158 5.53 -16.80 -4.08
C ASN A 158 6.90 -16.81 -4.72
N GLN A 159 6.96 -16.75 -6.06
CA GLN A 159 8.27 -16.66 -6.70
C GLN A 159 8.95 -15.33 -6.35
N LEU A 160 8.23 -14.19 -6.36
CA LEU A 160 8.89 -12.94 -6.00
C LEU A 160 9.48 -13.02 -4.60
N ILE A 161 8.71 -13.61 -3.68
CA ILE A 161 9.13 -13.67 -2.29
C ILE A 161 10.44 -14.46 -2.19
N GLU A 162 10.49 -15.60 -2.84
CA GLU A 162 11.72 -16.40 -2.86
C GLU A 162 12.89 -15.63 -3.45
N THR A 163 12.68 -14.92 -4.58
CA THR A 163 13.72 -14.12 -5.16
C THR A 163 14.17 -13.02 -4.20
N THR A 164 13.19 -12.40 -3.52
CA THR A 164 13.50 -11.26 -2.64
C THR A 164 14.31 -11.75 -1.43
N LYS A 165 13.94 -12.91 -0.89
CA LYS A 165 14.61 -13.51 0.26
C LYS A 165 16.06 -13.80 -0.11
N TYR A 166 16.30 -14.36 -1.31
CA TYR A 166 17.65 -14.51 -1.83
C TYR A 166 18.41 -13.18 -1.87
N MET A 167 17.79 -12.11 -2.37
CA MET A 167 18.47 -10.82 -2.46
C MET A 167 18.77 -10.28 -1.07
N GLN A 168 17.82 -10.47 -0.17
CA GLN A 168 17.92 -9.92 1.17
C GLN A 168 19.09 -10.59 1.87
N GLN A 169 19.19 -11.90 1.65
CA GLN A 169 20.31 -12.65 2.24
C GLN A 169 21.64 -12.20 1.65
N GLU A 170 21.68 -11.86 0.35
CA GLU A 170 22.93 -11.39 -0.23
C GLU A 170 23.27 -9.99 0.29
N PHE A 171 22.26 -9.13 0.56
CA PHE A 171 22.59 -7.87 1.23
C PHE A 171 23.22 -8.12 2.61
N MET A 172 22.68 -9.07 3.40
CA MET A 172 23.19 -9.38 4.71
C MET A 172 24.62 -9.97 4.64
N LYS A 173 24.95 -10.76 3.60
CA LYS A 173 26.33 -11.18 3.42
C LYS A 173 27.26 -10.01 3.18
N LYS A 174 26.82 -9.01 2.41
CA LYS A 174 27.65 -7.83 2.16
C LYS A 174 27.76 -7.00 3.41
N ALA A 175 26.71 -6.97 4.23
CA ALA A 175 26.80 -6.27 5.49
C ALA A 175 27.92 -6.89 6.37
N ASP A 176 27.94 -8.23 6.40
CA ASP A 176 29.01 -9.00 7.04
C ASP A 176 30.35 -8.69 6.41
N GLU A 177 30.48 -8.74 5.08
CA GLU A 177 31.78 -8.47 4.48
C GLU A 177 32.29 -7.08 4.84
N PHE A 178 31.37 -6.15 5.06
CA PHE A 178 31.74 -4.76 5.25
C PHE A 178 31.61 -4.33 6.69
N ALA A 179 31.41 -5.28 7.60
CA ALA A 179 31.18 -4.99 9.01
C ALA A 179 32.32 -4.15 9.60
N GLY A 180 33.51 -4.19 9.03
CA GLY A 180 34.64 -3.49 9.66
C GLY A 180 35.02 -2.26 8.85
N VAL A 181 34.26 -1.92 7.80
CA VAL A 181 34.68 -0.89 6.86
C VAL A 181 34.09 0.42 7.35
N ILE A 182 34.96 1.35 7.76
CA ILE A 182 34.46 2.60 8.27
C ILE A 182 34.34 3.61 7.14
N LYS A 183 33.37 4.52 7.24
CA LYS A 183 33.23 5.65 6.31
C LYS A 183 32.48 6.78 7.02
N MET A 184 32.30 7.90 6.33
CA MET A 184 31.58 9.06 6.85
C MET A 184 30.06 8.88 6.61
N GLY A 185 29.27 8.94 7.67
CA GLY A 185 27.83 9.08 7.57
C GLY A 185 27.51 10.48 7.09
N ARG A 186 26.41 10.57 6.31
CA ARG A 186 26.05 11.87 5.74
C ARG A 186 24.57 12.11 6.00
N ILE A 187 24.24 13.30 6.49
CA ILE A 187 22.85 13.74 6.61
C ILE A 187 22.71 15.04 5.81
N HIS A 188 21.70 15.10 4.93
CA HIS A 188 21.50 16.24 4.06
C HIS A 188 22.62 16.32 3.02
N LEU A 189 23.36 15.22 2.87
CA LEU A 189 24.55 15.14 2.06
C LEU A 189 25.69 15.94 2.72
N GLN A 190 25.54 16.32 4.00
CA GLN A 190 26.62 16.94 4.76
C GLN A 190 27.33 15.89 5.62
N ASP A 191 28.68 15.93 5.67
CA ASP A 191 29.52 15.07 6.51
C ASP A 191 29.02 15.10 7.95
N ALA A 192 28.82 13.94 8.58
CA ALA A 192 28.31 13.91 9.94
C ALA A 192 29.37 13.25 10.85
N VAL A 193 29.14 11.99 11.20
CA VAL A 193 29.96 11.24 12.10
C VAL A 193 30.22 9.91 11.39
N PRO A 194 31.24 9.13 11.80
CA PRO A 194 31.52 7.86 11.14
C PRO A 194 30.36 6.86 11.26
N ILE A 195 30.29 5.97 10.28
CA ILE A 195 29.34 4.89 10.24
C ILE A 195 30.06 3.74 9.56
N LEU A 196 29.66 2.51 9.83
CA LEU A 196 30.21 1.41 9.04
C LEU A 196 29.42 1.21 7.75
N LEU A 197 30.12 0.93 6.64
CA LEU A 197 29.48 0.57 5.38
C LEU A 197 28.58 -0.61 5.63
N GLY A 198 29.01 -1.49 6.53
CA GLY A 198 28.24 -2.67 6.90
C GLY A 198 26.92 -2.32 7.57
N GLN A 199 26.90 -1.25 8.33
CA GLN A 199 25.64 -0.81 8.91
C GLN A 199 24.64 -0.29 7.85
N GLU A 200 25.10 0.39 6.83
CA GLU A 200 24.26 0.79 5.73
C GLU A 200 23.74 -0.47 5.06
N PHE A 201 24.62 -1.44 4.76
CA PHE A 201 24.12 -2.61 4.03
C PHE A 201 23.13 -3.35 4.91
N GLU A 202 23.28 -3.30 6.25
CA GLU A 202 22.35 -4.00 7.11
C GLU A 202 21.01 -3.24 7.14
N ALA A 203 21.06 -1.90 7.07
CA ALA A 203 19.82 -1.11 6.97
C ALA A 203 19.06 -1.49 5.70
N TYR A 204 19.82 -1.77 4.62
CA TYR A 204 19.24 -2.19 3.37
C TYR A 204 18.57 -3.53 3.57
N ALA A 205 19.29 -4.48 4.15
CA ALA A 205 18.75 -5.82 4.33
C ALA A 205 17.52 -5.81 5.24
N ARG A 206 17.49 -4.93 6.23
N ARG A 206 17.49 -4.94 6.24
CA ARG A 206 16.40 -4.92 7.18
CA ARG A 206 16.40 -4.93 7.18
C ARG A 206 15.11 -4.36 6.57
C ARG A 206 15.11 -4.36 6.57
N VAL A 207 15.21 -3.33 5.72
CA VAL A 207 14.03 -2.76 5.09
C VAL A 207 13.48 -3.80 4.12
N ILE A 208 14.41 -4.50 3.44
CA ILE A 208 14.00 -5.54 2.52
C ILE A 208 13.30 -6.68 3.27
N ALA A 209 13.81 -7.08 4.46
CA ALA A 209 13.10 -8.04 5.32
C ALA A 209 11.66 -7.58 5.61
N ARG A 210 11.48 -6.31 5.96
CA ARG A 210 10.16 -5.76 6.20
C ARG A 210 9.30 -5.78 4.94
N ASP A 211 9.90 -5.66 3.76
CA ASP A 211 9.15 -5.71 2.53
C ASP A 211 8.67 -7.13 2.25
N ILE A 212 9.55 -8.09 2.52
CA ILE A 212 9.19 -9.48 2.37
C ILE A 212 7.97 -9.77 3.23
N GLU A 213 7.96 -9.26 4.44
CA GLU A 213 6.86 -9.50 5.33
C GLU A 213 5.56 -8.88 4.83
N ARG A 214 5.61 -7.61 4.40
CA ARG A 214 4.45 -6.94 3.86
C ARG A 214 3.89 -7.72 2.67
N ILE A 215 4.76 -8.07 1.73
CA ILE A 215 4.29 -8.70 0.51
C ILE A 215 3.71 -10.09 0.85
N ALA A 216 4.42 -10.90 1.63
CA ALA A 216 3.91 -12.19 2.06
C ALA A 216 2.53 -12.09 2.75
N ASN A 217 2.31 -11.04 3.56
CA ASN A 217 1.05 -10.83 4.25
C ASN A 217 -0.08 -10.44 3.32
N THR A 218 0.20 -9.97 2.07
CA THR A 218 -0.88 -9.67 1.12
C THR A 218 -1.49 -10.90 0.48
N ARG A 219 -0.81 -12.01 0.63
CA ARG A 219 -1.38 -13.23 0.11
C ARG A 219 -2.66 -13.62 0.84
N ASN A 220 -2.78 -13.26 2.13
N ASN A 220 -2.78 -13.25 2.11
CA ASN A 220 -3.83 -13.87 2.95
CA ASN A 220 -3.79 -13.86 2.95
C ASN A 220 -5.18 -13.52 2.35
C ASN A 220 -5.17 -13.52 2.37
N ASN A 221 -5.41 -12.25 1.98
CA ASN A 221 -6.70 -11.86 1.46
C ASN A 221 -6.90 -12.46 0.06
N LEU A 222 -5.85 -12.83 -0.69
CA LEU A 222 -6.06 -13.53 -1.96
C LEU A 222 -6.46 -15.00 -1.82
N TYR A 223 -6.23 -15.64 -0.65
CA TYR A 223 -6.62 -17.05 -0.48
C TYR A 223 -8.15 -17.23 -0.50
N ASP A 224 -8.90 -16.18 -0.11
CA ASP A 224 -10.36 -16.16 -0.26
C ASP A 224 -10.76 -15.98 -1.72
N ILE A 225 -11.40 -16.95 -2.32
CA ILE A 225 -11.80 -16.88 -3.71
C ILE A 225 -13.32 -16.86 -3.75
N ASN A 226 -13.84 -16.47 -4.92
CA ASN A 226 -15.27 -16.37 -5.06
C ASN A 226 -15.86 -17.43 -5.99
N MET A 227 -15.13 -18.51 -6.28
CA MET A 227 -15.65 -19.52 -7.21
C MET A 227 -17.00 -20.03 -6.72
N GLY A 228 -18.06 -19.96 -7.54
CA GLY A 228 -19.39 -20.31 -7.04
C GLY A 228 -20.32 -19.12 -6.94
N ALA A 229 -19.72 -17.93 -7.01
CA ALA A 229 -20.46 -16.68 -7.02
C ALA A 229 -21.31 -16.52 -8.27
N THR A 230 -20.88 -17.15 -9.36
CA THR A 230 -21.44 -16.87 -10.68
C THR A 230 -21.50 -15.35 -10.95
N ALA A 231 -22.65 -14.81 -11.38
CA ALA A 231 -22.66 -13.53 -12.04
C ALA A 231 -22.41 -12.37 -11.06
N VAL A 232 -22.91 -12.49 -9.83
CA VAL A 232 -22.99 -11.32 -8.94
C VAL A 232 -22.67 -11.69 -7.49
N GLY A 233 -22.35 -12.94 -7.25
CA GLY A 233 -22.06 -13.39 -5.91
C GLY A 233 -23.21 -14.17 -5.26
N THR A 234 -24.42 -14.16 -5.85
CA THR A 234 -25.55 -14.86 -5.32
C THR A 234 -25.39 -16.35 -5.52
N GLY A 235 -24.63 -16.78 -6.50
CA GLY A 235 -24.45 -18.22 -6.69
C GLY A 235 -25.61 -18.90 -7.43
N LEU A 236 -26.48 -18.05 -7.99
CA LEU A 236 -27.52 -18.53 -8.88
C LEU A 236 -26.94 -19.47 -9.92
N ASN A 237 -27.48 -20.69 -9.98
CA ASN A 237 -27.08 -21.73 -10.92
C ASN A 237 -25.79 -22.44 -10.53
N ALA A 238 -25.25 -22.20 -9.35
CA ALA A 238 -24.17 -23.01 -8.85
C ALA A 238 -24.71 -23.79 -7.68
N ASP A 239 -24.69 -25.11 -7.78
CA ASP A 239 -25.04 -25.96 -6.67
C ASP A 239 -24.05 -25.81 -5.53
N PRO A 240 -24.51 -25.62 -4.28
CA PRO A 240 -23.60 -25.49 -3.15
C PRO A 240 -22.61 -26.66 -2.95
N GLU A 241 -22.97 -27.87 -3.36
CA GLU A 241 -22.02 -28.95 -3.25
C GLU A 241 -20.94 -28.77 -4.35
N TYR A 242 -21.32 -28.27 -5.53
CA TYR A 242 -20.33 -27.94 -6.58
C TYR A 242 -19.33 -26.89 -6.05
N ILE A 243 -19.80 -25.93 -5.25
CA ILE A 243 -18.93 -24.83 -4.82
C ILE A 243 -17.90 -25.43 -3.87
N SER A 244 -18.35 -26.27 -2.94
CA SER A 244 -17.43 -26.86 -1.98
C SER A 244 -16.42 -27.78 -2.69
N ILE A 245 -16.84 -28.52 -3.71
CA ILE A 245 -15.94 -29.43 -4.39
C ILE A 245 -14.95 -28.68 -5.29
N VAL A 246 -15.45 -27.71 -6.09
CA VAL A 246 -14.54 -26.96 -6.95
C VAL A 246 -13.48 -26.22 -6.09
N THR A 247 -13.86 -25.68 -4.92
CA THR A 247 -12.90 -24.96 -4.08
C THR A 247 -11.77 -25.90 -3.69
N GLU A 248 -12.13 -27.13 -3.31
CA GLU A 248 -11.12 -28.07 -2.85
C GLU A 248 -10.19 -28.39 -4.02
N HIS A 249 -10.73 -28.67 -5.22
CA HIS A 249 -9.87 -28.93 -6.38
C HIS A 249 -8.94 -27.73 -6.68
N LEU A 250 -9.49 -26.50 -6.62
CA LEU A 250 -8.67 -25.33 -6.87
C LEU A 250 -7.47 -25.25 -5.94
N ALA A 251 -7.70 -25.45 -4.65
CA ALA A 251 -6.64 -25.46 -3.63
C ALA A 251 -5.59 -26.55 -3.91
N LYS A 252 -6.09 -27.77 -4.11
CA LYS A 252 -5.22 -28.89 -4.31
C LYS A 252 -4.45 -28.80 -5.62
N PHE A 253 -5.04 -28.41 -6.75
CA PHE A 253 -4.22 -28.35 -7.95
C PHE A 253 -3.30 -27.13 -7.95
N SER A 254 -3.67 -26.05 -7.28
CA SER A 254 -2.85 -24.82 -7.36
C SER A 254 -1.75 -24.88 -6.32
N GLY A 255 -1.99 -25.61 -5.22
CA GLY A 255 -0.99 -25.70 -4.17
C GLY A 255 -1.13 -24.55 -3.19
N HIS A 256 -2.18 -23.75 -3.28
CA HIS A 256 -2.38 -22.65 -2.36
C HIS A 256 -3.50 -23.04 -1.41
N PRO A 257 -3.46 -22.60 -0.16
CA PRO A 257 -4.59 -22.83 0.75
C PRO A 257 -5.79 -21.93 0.49
N LEU A 258 -6.44 -22.11 -0.66
CA LEU A 258 -7.61 -21.33 -1.03
C LEU A 258 -8.78 -21.70 -0.12
N ARG A 259 -9.67 -20.74 0.12
CA ARG A 259 -10.85 -20.84 0.97
C ARG A 259 -12.02 -20.22 0.19
N SER A 260 -13.26 -20.69 0.36
CA SER A 260 -14.37 -20.03 -0.31
C SER A 260 -14.71 -18.77 0.50
N ALA A 261 -14.72 -17.59 -0.10
CA ALA A 261 -14.99 -16.38 0.68
C ALA A 261 -16.27 -16.55 1.51
N GLN A 262 -16.31 -15.94 2.67
CA GLN A 262 -17.47 -16.01 3.54
C GLN A 262 -18.68 -15.28 2.96
N HIS A 263 -18.53 -14.22 2.14
CA HIS A 263 -19.66 -13.54 1.53
C HIS A 263 -19.32 -13.37 0.05
N LEU A 264 -19.97 -14.13 -0.79
CA LEU A 264 -19.53 -14.22 -2.17
C LEU A 264 -19.84 -12.92 -2.93
N VAL A 265 -20.83 -12.14 -2.48
CA VAL A 265 -21.18 -10.89 -3.12
C VAL A 265 -20.05 -9.86 -2.85
N ASP A 266 -19.59 -9.77 -1.60
CA ASP A 266 -18.39 -9.02 -1.22
C ASP A 266 -17.22 -9.41 -2.10
N ALA A 267 -16.96 -10.71 -2.25
CA ALA A 267 -15.75 -11.11 -2.94
C ALA A 267 -15.89 -10.90 -4.45
N THR A 268 -17.10 -10.67 -4.98
CA THR A 268 -17.26 -10.54 -6.43
C THR A 268 -17.12 -9.06 -6.80
N GLN A 269 -17.44 -8.15 -5.88
CA GLN A 269 -17.51 -6.75 -6.27
C GLN A 269 -16.38 -5.90 -5.73
N ASN A 270 -15.68 -6.36 -4.69
CA ASN A 270 -14.60 -5.60 -4.08
C ASN A 270 -13.25 -6.05 -4.63
N THR A 271 -12.29 -5.13 -4.78
CA THR A 271 -11.01 -5.36 -5.46
C THR A 271 -9.86 -4.89 -4.53
N ASP A 272 -10.11 -4.79 -3.24
CA ASP A 272 -9.12 -4.35 -2.28
C ASP A 272 -7.97 -5.38 -2.10
N CYS A 273 -8.22 -6.67 -2.34
CA CYS A 273 -7.13 -7.64 -2.23
C CYS A 273 -6.05 -7.23 -3.24
N TYR A 274 -6.46 -6.70 -4.43
CA TYR A 274 -5.48 -6.40 -5.46
C TYR A 274 -4.70 -5.11 -5.14
N THR A 275 -5.36 -4.09 -4.61
CA THR A 275 -4.67 -2.85 -4.31
C THR A 275 -3.75 -3.04 -3.11
N GLU A 276 -4.12 -3.92 -2.19
CA GLU A 276 -3.28 -4.27 -1.05
C GLU A 276 -1.97 -4.85 -1.56
N VAL A 277 -2.04 -5.75 -2.53
CA VAL A 277 -0.84 -6.30 -3.11
C VAL A 277 -0.04 -5.18 -3.77
N SER A 278 -0.69 -4.38 -4.65
CA SER A 278 0.07 -3.37 -5.38
C SER A 278 0.77 -2.43 -4.41
N SER A 279 0.07 -2.04 -3.34
CA SER A 279 0.64 -1.19 -2.30
C SER A 279 1.91 -1.75 -1.71
N ALA A 280 1.94 -3.06 -1.41
CA ALA A 280 3.14 -3.62 -0.79
C ALA A 280 4.30 -3.65 -1.82
N LEU A 281 3.96 -3.84 -3.09
CA LEU A 281 4.95 -3.83 -4.16
C LEU A 281 5.54 -2.42 -4.32
N LYS A 282 4.67 -1.39 -4.27
CA LYS A 282 5.11 -0.02 -4.40
C LYS A 282 6.05 0.30 -3.25
N VAL A 283 5.63 0.03 -2.00
CA VAL A 283 6.46 0.32 -0.84
C VAL A 283 7.82 -0.36 -0.98
N CYS A 284 7.84 -1.63 -1.38
CA CYS A 284 9.11 -2.31 -1.59
C CYS A 284 9.98 -1.54 -2.58
N MET A 285 9.43 -1.16 -3.75
CA MET A 285 10.23 -0.51 -4.77
C MET A 285 10.63 0.93 -4.36
N ILE A 286 9.92 1.62 -3.46
CA ILE A 286 10.39 2.86 -2.92
C ILE A 286 11.73 2.63 -2.24
N ASN A 287 11.79 1.58 -1.42
CA ASN A 287 12.98 1.29 -0.64
C ASN A 287 14.11 0.87 -1.55
N MET A 288 13.80 0.01 -2.52
CA MET A 288 14.82 -0.42 -3.45
C MET A 288 15.38 0.70 -4.33
N SER A 289 14.55 1.66 -4.70
CA SER A 289 14.96 2.81 -5.48
C SER A 289 15.91 3.67 -4.65
N LYS A 290 15.55 3.90 -3.39
CA LYS A 290 16.42 4.67 -2.52
C LYS A 290 17.79 3.98 -2.39
N ILE A 291 17.77 2.68 -2.15
CA ILE A 291 19.01 1.93 -2.05
C ILE A 291 19.81 2.10 -3.32
N ALA A 292 19.16 1.93 -4.47
CA ALA A 292 19.87 2.08 -5.75
C ALA A 292 20.44 3.49 -5.94
N ASN A 293 19.72 4.52 -5.45
CA ASN A 293 20.21 5.90 -5.49
C ASN A 293 21.50 6.05 -4.69
N ASP A 294 21.51 5.46 -3.47
CA ASP A 294 22.68 5.45 -2.63
C ASP A 294 23.84 4.71 -3.33
N LEU A 295 23.56 3.58 -3.95
CA LEU A 295 24.64 2.85 -4.57
C LEU A 295 25.29 3.68 -5.66
N ARG A 296 24.46 4.41 -6.39
CA ARG A 296 24.94 5.14 -7.55
C ARG A 296 25.75 6.36 -7.09
N LEU A 297 25.36 6.97 -5.98
CA LEU A 297 26.21 7.98 -5.33
C LEU A 297 27.55 7.44 -4.80
N MET A 298 27.51 6.28 -4.13
CA MET A 298 28.71 5.66 -3.65
C MET A 298 29.63 5.28 -4.81
N ALA A 299 29.08 4.95 -5.99
CA ALA A 299 29.90 4.52 -7.10
C ALA A 299 30.36 5.71 -7.91
N SER A 300 29.92 6.93 -7.60
CA SER A 300 30.29 8.11 -8.39
C SER A 300 31.81 8.25 -8.41
N GLY A 301 32.34 8.78 -9.54
CA GLY A 301 33.79 8.92 -9.67
C GLY A 301 34.13 8.69 -11.14
N PRO A 302 35.37 8.25 -11.55
CA PRO A 302 36.42 7.81 -10.64
C PRO A 302 37.25 8.85 -9.89
N ARG A 303 37.21 10.14 -10.24
CA ARG A 303 38.12 11.09 -9.65
C ARG A 303 37.38 12.31 -9.13
N ALA A 304 36.21 12.66 -9.66
CA ALA A 304 35.43 13.78 -9.13
C ALA A 304 34.18 13.33 -8.39
N GLY A 305 34.21 12.12 -7.81
CA GLY A 305 33.04 11.60 -7.12
C GLY A 305 33.39 10.99 -5.77
N LEU A 306 32.43 10.30 -5.13
CA LEU A 306 32.66 9.73 -3.80
C LEU A 306 33.59 8.53 -3.84
N SER A 307 33.41 7.69 -4.87
CA SER A 307 34.23 6.49 -5.07
C SER A 307 34.36 5.67 -3.80
N GLU A 308 33.24 5.39 -3.14
CA GLU A 308 33.26 4.55 -1.96
C GLU A 308 33.18 3.07 -2.35
N ILE A 309 32.44 2.74 -3.42
CA ILE A 309 32.31 1.32 -3.80
C ILE A 309 32.63 1.16 -5.27
N VAL A 310 32.95 -0.06 -5.65
CA VAL A 310 33.09 -0.44 -7.05
C VAL A 310 32.05 -1.52 -7.34
N LEU A 311 31.25 -1.29 -8.37
CA LEU A 311 30.26 -2.25 -8.81
C LEU A 311 30.91 -3.13 -9.87
N PRO A 312 30.54 -4.40 -10.02
CA PRO A 312 30.95 -5.18 -11.18
C PRO A 312 30.65 -4.43 -12.48
N ALA A 313 31.62 -4.39 -13.41
CA ALA A 313 31.41 -3.73 -14.69
C ALA A 313 30.53 -4.62 -15.54
N ARG A 314 29.52 -4.09 -16.21
CA ARG A 314 28.60 -4.99 -16.89
C ARG A 314 28.49 -4.67 -18.38
N GLN A 315 28.87 -3.45 -18.76
CA GLN A 315 28.89 -3.05 -20.15
C GLN A 315 29.69 -1.76 -20.29
N PRO A 316 30.24 -1.47 -21.51
CA PRO A 316 30.89 -0.19 -21.73
C PRO A 316 29.88 0.92 -21.41
N GLY A 317 30.39 2.00 -20.84
CA GLY A 317 29.52 3.11 -20.48
C GLY A 317 29.33 4.10 -21.62
N SER A 318 30.32 4.18 -22.52
CA SER A 318 30.37 5.26 -23.49
C SER A 318 31.25 4.81 -24.66
N SER A 319 30.89 5.26 -25.86
CA SER A 319 31.72 4.99 -27.01
C SER A 319 32.54 6.24 -27.31
N ILE A 320 32.41 7.31 -26.48
CA ILE A 320 33.19 8.53 -26.69
C ILE A 320 34.07 8.87 -25.49
N ILE A 321 33.59 8.76 -24.25
CA ILE A 321 34.43 9.00 -23.08
C ILE A 321 35.22 7.73 -22.80
N PRO A 322 36.56 7.81 -22.89
CA PRO A 322 37.38 6.60 -22.79
C PRO A 322 37.38 6.15 -21.36
N GLY A 323 37.19 4.84 -21.16
CA GLY A 323 37.29 4.31 -19.80
C GLY A 323 35.97 4.34 -19.03
N MET A 324 34.89 4.90 -19.58
CA MET A 324 33.71 5.10 -18.73
C MET A 324 32.97 3.76 -18.54
N VAL A 325 32.64 3.51 -17.27
CA VAL A 325 31.70 2.46 -16.86
C VAL A 325 30.65 3.06 -15.89
N CYS A 326 29.39 2.64 -16.04
CA CYS A 326 28.24 3.24 -15.36
C CYS A 326 27.52 2.23 -14.53
N PRO A 327 26.81 2.69 -13.46
CA PRO A 327 26.07 1.82 -12.56
C PRO A 327 24.73 1.35 -13.10
N VAL A 328 24.81 0.50 -14.13
CA VAL A 328 23.66 0.21 -14.94
C VAL A 328 22.68 -0.65 -14.15
N MET A 329 23.16 -1.48 -13.23
CA MET A 329 22.22 -2.36 -12.53
C MET A 329 21.44 -1.59 -11.48
N PRO A 330 22.04 -0.69 -10.66
CA PRO A 330 21.18 0.20 -9.85
C PRO A 330 20.22 1.05 -10.69
N GLU A 331 20.66 1.51 -11.86
CA GLU A 331 19.86 2.36 -12.73
C GLU A 331 18.61 1.61 -13.20
N VAL A 332 18.74 0.35 -13.59
CA VAL A 332 17.56 -0.37 -14.05
C VAL A 332 16.65 -0.65 -12.83
N MET A 333 17.21 -0.82 -11.63
CA MET A 333 16.41 -0.93 -10.43
C MET A 333 15.53 0.31 -10.21
N ASN A 334 16.12 1.52 -10.32
CA ASN A 334 15.35 2.76 -10.28
C ASN A 334 14.22 2.76 -11.29
N GLN A 335 14.52 2.32 -12.52
CA GLN A 335 13.55 2.45 -13.57
C GLN A 335 12.41 1.49 -13.33
N VAL A 336 12.68 0.30 -12.81
CA VAL A 336 11.63 -0.65 -12.49
C VAL A 336 10.79 -0.08 -11.34
N ALA A 337 11.39 0.64 -10.41
CA ALA A 337 10.59 1.27 -9.39
C ALA A 337 9.60 2.26 -9.98
N PHE A 338 10.09 3.12 -10.85
CA PHE A 338 9.22 4.13 -11.42
C PHE A 338 8.08 3.47 -12.18
N GLN A 339 8.37 2.39 -12.88
CA GLN A 339 7.35 1.59 -13.52
C GLN A 339 6.30 1.11 -12.53
N VAL A 340 6.74 0.59 -11.38
CA VAL A 340 5.82 0.02 -10.42
C VAL A 340 4.95 1.13 -9.82
N PHE A 341 5.56 2.29 -9.56
CA PHE A 341 4.81 3.41 -9.01
C PHE A 341 3.66 3.72 -9.93
N GLY A 342 3.94 3.78 -11.23
CA GLY A 342 2.93 4.12 -12.20
C GLY A 342 1.87 3.02 -12.28
N ASN A 343 2.33 1.77 -12.31
CA ASN A 343 1.40 0.64 -12.37
C ASN A 343 0.42 0.73 -11.17
N ASP A 344 0.91 1.21 -10.05
CA ASP A 344 0.09 1.26 -8.84
C ASP A 344 -0.97 2.34 -8.95
N LEU A 345 -0.67 3.49 -9.56
CA LEU A 345 -1.69 4.47 -9.84
C LEU A 345 -2.70 3.92 -10.85
N THR A 346 -2.29 3.20 -11.92
CA THR A 346 -3.28 2.60 -12.79
C THR A 346 -4.22 1.66 -12.00
N ILE A 347 -3.67 0.82 -11.11
CA ILE A 347 -4.38 -0.09 -10.24
C ILE A 347 -5.35 0.63 -9.32
N THR A 348 -4.89 1.75 -8.76
CA THR A 348 -5.73 2.56 -7.90
C THR A 348 -6.96 3.07 -8.64
N SER A 349 -6.71 3.66 -9.82
CA SER A 349 -7.76 4.26 -10.60
C SER A 349 -8.75 3.18 -11.09
N ALA A 350 -8.25 2.01 -11.49
CA ALA A 350 -9.14 0.94 -11.94
C ALA A 350 -9.98 0.40 -10.78
N SER A 351 -9.36 0.23 -9.60
CA SER A 351 -10.09 -0.30 -8.44
C SER A 351 -11.18 0.69 -8.03
N GLU A 352 -10.89 1.98 -8.09
CA GLU A 352 -11.84 2.99 -7.65
C GLU A 352 -13.09 3.05 -8.53
N ALA A 353 -12.97 2.53 -9.77
CA ALA A 353 -13.97 2.65 -10.81
C ALA A 353 -14.99 1.53 -10.75
N GLY A 354 -14.99 0.71 -9.70
CA GLY A 354 -15.98 -0.34 -9.56
C GLY A 354 -17.40 0.19 -9.43
N GLN A 355 -18.38 -0.55 -9.96
CA GLN A 355 -19.76 -0.12 -9.94
C GLN A 355 -20.63 -1.29 -9.55
N PHE A 356 -21.43 -1.06 -8.46
CA PHE A 356 -22.36 -2.09 -8.01
C PHE A 356 -21.66 -3.44 -7.96
N GLU A 357 -22.22 -4.45 -8.66
CA GLU A 357 -21.84 -5.83 -8.46
C GLU A 357 -20.53 -6.22 -9.15
N LEU A 358 -19.89 -5.33 -9.93
CA LEU A 358 -18.69 -5.76 -10.64
C LEU A 358 -17.81 -4.56 -10.93
N ASN A 359 -16.53 -4.77 -10.74
CA ASN A 359 -15.52 -3.86 -11.23
C ASN A 359 -15.08 -4.31 -12.61
N VAL A 360 -15.45 -3.57 -13.63
CA VAL A 360 -15.16 -3.99 -15.01
C VAL A 360 -13.76 -3.62 -15.50
N MET A 361 -13.02 -2.87 -14.65
CA MET A 361 -11.72 -2.37 -15.03
C MET A 361 -10.64 -3.33 -14.62
N GLU A 362 -11.01 -4.58 -14.25
CA GLU A 362 -10.04 -5.54 -13.81
C GLU A 362 -9.01 -5.90 -14.87
N PRO A 363 -9.33 -6.03 -16.16
CA PRO A 363 -8.27 -6.48 -17.09
C PRO A 363 -7.02 -5.58 -16.94
N VAL A 364 -7.15 -4.24 -17.02
CA VAL A 364 -5.97 -3.39 -16.93
C VAL A 364 -5.34 -3.46 -15.54
N LEU A 365 -6.15 -3.62 -14.47
CA LEU A 365 -5.68 -3.75 -13.10
C LEU A 365 -4.79 -4.96 -12.99
N PHE A 366 -5.27 -6.13 -13.51
CA PHE A 366 -4.51 -7.36 -13.42
C PHE A 366 -3.29 -7.40 -14.33
N PHE A 367 -3.40 -6.82 -15.52
CA PHE A 367 -2.24 -6.67 -16.38
C PHE A 367 -1.13 -5.93 -15.63
N ASN A 368 -1.46 -4.80 -15.00
CA ASN A 368 -0.46 -4.02 -14.26
C ASN A 368 0.05 -4.78 -13.05
N LEU A 369 -0.83 -5.47 -12.28
CA LEU A 369 -0.37 -6.07 -11.06
C LEU A 369 0.59 -7.20 -11.40
N ILE A 370 0.26 -8.01 -12.39
CA ILE A 370 1.08 -9.12 -12.79
C ILE A 370 2.38 -8.58 -13.38
N GLN A 371 2.31 -7.49 -14.14
CA GLN A 371 3.51 -6.85 -14.64
C GLN A 371 4.42 -6.43 -13.48
N SER A 372 3.89 -5.74 -12.49
CA SER A 372 4.71 -5.33 -11.37
C SER A 372 5.44 -6.52 -10.73
N ILE A 373 4.74 -7.63 -10.50
CA ILE A 373 5.32 -8.73 -9.77
C ILE A 373 6.44 -9.29 -10.63
N SER A 374 6.14 -9.37 -11.92
CA SER A 374 7.03 -10.04 -12.83
C SER A 374 8.31 -9.24 -13.04
N ILE A 375 8.23 -7.92 -13.22
CA ILE A 375 9.42 -7.13 -13.45
C ILE A 375 10.25 -6.98 -12.19
N MET A 376 9.59 -7.00 -11.02
CA MET A 376 10.34 -6.97 -9.81
C MET A 376 11.13 -8.27 -9.65
N THR A 377 10.49 -9.42 -9.88
CA THR A 377 11.21 -10.68 -9.76
C THR A 377 12.44 -10.62 -10.67
N ASN A 378 12.25 -10.30 -11.96
CA ASN A 378 13.33 -10.29 -12.95
C ASN A 378 14.45 -9.30 -12.60
N VAL A 379 14.13 -8.10 -12.11
CA VAL A 379 15.20 -7.16 -11.80
C VAL A 379 15.91 -7.52 -10.50
N PHE A 380 15.20 -8.04 -9.53
CA PHE A 380 15.85 -8.50 -8.31
C PHE A 380 16.83 -9.64 -8.63
N LYS A 381 16.46 -10.62 -9.44
CA LYS A 381 17.38 -11.69 -9.76
C LYS A 381 18.61 -11.12 -10.47
N SER A 382 18.38 -10.31 -11.49
CA SER A 382 19.49 -9.82 -12.28
C SER A 382 20.38 -8.91 -11.45
N PHE A 383 19.78 -8.06 -10.63
CA PHE A 383 20.57 -7.17 -9.78
C PHE A 383 21.39 -7.96 -8.74
N THR A 384 20.83 -9.03 -8.20
CA THR A 384 21.55 -9.80 -7.20
C THR A 384 22.79 -10.44 -7.84
N GLU A 385 22.62 -11.12 -8.97
CA GLU A 385 23.66 -11.91 -9.61
C GLU A 385 24.69 -11.01 -10.31
N ASN A 386 24.25 -9.90 -10.93
CA ASN A 386 25.13 -9.10 -11.75
C ASN A 386 25.72 -7.86 -11.06
N CYS A 387 25.39 -7.63 -9.80
CA CYS A 387 25.88 -6.41 -9.14
C CYS A 387 26.12 -6.70 -7.67
N LEU A 388 25.05 -6.97 -6.89
CA LEU A 388 25.15 -6.95 -5.45
C LEU A 388 26.25 -7.89 -4.94
N LYS A 389 26.32 -9.10 -5.49
CA LYS A 389 27.26 -10.12 -4.97
C LYS A 389 28.70 -9.68 -5.11
N GLY A 390 28.98 -8.88 -6.14
CA GLY A 390 30.30 -8.51 -6.56
C GLY A 390 30.72 -7.14 -6.05
N ILE A 391 29.85 -6.42 -5.32
CA ILE A 391 30.23 -5.09 -4.87
C ILE A 391 31.50 -5.16 -4.01
N LYS A 392 32.44 -4.23 -4.28
CA LYS A 392 33.65 -4.14 -3.46
C LYS A 392 33.75 -2.75 -2.86
N ALA A 393 34.42 -2.66 -1.71
CA ALA A 393 34.57 -1.39 -0.98
C ALA A 393 35.94 -0.78 -1.26
N ASN A 394 36.03 0.54 -1.43
CA ASN A 394 37.32 1.21 -1.43
C ASN A 394 37.67 1.60 0.00
N GLU A 395 38.06 0.58 0.77
CA GLU A 395 38.20 0.70 2.21
C GLU A 395 39.21 1.76 2.61
N GLU A 396 40.34 1.86 1.88
CA GLU A 396 41.40 2.79 2.25
C GLU A 396 40.94 4.22 2.03
N ARG A 397 40.32 4.47 0.87
CA ARG A 397 39.75 5.77 0.60
C ARG A 397 38.78 6.21 1.73
N MET A 398 37.86 5.31 2.11
CA MET A 398 36.85 5.66 3.07
C MET A 398 37.50 5.91 4.42
N LYS A 399 38.50 5.12 4.78
CA LYS A 399 39.19 5.27 6.06
C LYS A 399 39.92 6.60 6.10
N GLU A 400 40.53 6.99 4.99
CA GLU A 400 41.31 8.22 4.93
C GLU A 400 40.42 9.41 5.17
N TYR A 401 39.24 9.43 4.54
CA TYR A 401 38.36 10.57 4.79
C TYR A 401 37.81 10.56 6.22
N VAL A 402 37.55 9.40 6.81
CA VAL A 402 37.15 9.39 8.21
C VAL A 402 38.28 9.99 9.07
N GLU A 403 39.54 9.58 8.83
CA GLU A 403 40.68 10.01 9.67
C GLU A 403 40.87 11.52 9.60
N LYS A 404 40.54 12.13 8.45
CA LYS A 404 40.70 13.55 8.22
C LYS A 404 39.40 14.34 8.34
N SER A 405 38.35 13.73 8.90
CA SER A 405 37.11 14.45 9.15
C SER A 405 37.17 15.27 10.46
N ILE A 406 36.23 16.19 10.56
CA ILE A 406 35.79 16.80 11.80
C ILE A 406 35.04 15.79 12.68
N GLY A 407 34.12 15.01 12.08
CA GLY A 407 33.21 14.20 12.86
C GLY A 407 33.90 13.13 13.73
N ILE A 408 35.10 12.69 13.35
CA ILE A 408 35.76 11.68 14.14
C ILE A 408 36.06 12.20 15.54
N ILE A 409 36.09 13.55 15.72
CA ILE A 409 36.25 14.19 17.04
C ILE A 409 35.22 13.65 18.06
N THR A 410 34.05 13.24 17.58
CA THR A 410 32.94 12.89 18.43
C THR A 410 33.30 11.68 19.27
N ALA A 411 34.07 10.74 18.71
CA ALA A 411 34.48 9.56 19.45
C ALA A 411 35.47 9.93 20.57
N ILE A 412 36.26 11.00 20.39
CA ILE A 412 37.31 11.30 21.37
C ILE A 412 36.85 12.28 22.48
N ASN A 413 35.73 13.00 22.23
CA ASN A 413 35.26 14.08 23.09
C ASN A 413 35.13 13.68 24.56
N PRO A 414 34.39 12.62 24.91
CA PRO A 414 34.23 12.29 26.32
C PRO A 414 35.55 11.86 27.00
N HIS A 415 36.54 11.44 26.21
CA HIS A 415 37.85 11.04 26.76
C HIS A 415 38.70 12.27 27.06
N VAL A 416 38.68 13.23 26.15
CA VAL A 416 39.62 14.32 26.14
C VAL A 416 38.98 15.63 26.63
N GLY A 417 37.64 15.72 26.69
CA GLY A 417 36.94 16.93 27.11
C GLY A 417 36.93 17.96 25.98
N TYR A 418 35.86 18.75 25.94
CA TYR A 418 35.51 19.66 24.85
C TYR A 418 36.64 20.66 24.58
N GLU A 419 37.34 21.12 25.63
CA GLU A 419 38.35 22.15 25.46
C GLU A 419 39.50 21.64 24.58
N THR A 420 40.07 20.49 24.94
CA THR A 420 41.12 19.86 24.14
C THR A 420 40.61 19.44 22.76
N ALA A 421 39.44 18.80 22.68
CA ALA A 421 38.86 18.45 21.39
C ALA A 421 38.83 19.64 20.41
N SER A 422 38.45 20.84 20.91
CA SER A 422 38.36 22.02 20.05
C SER A 422 39.76 22.43 19.57
N LYS A 423 40.73 22.41 20.48
CA LYS A 423 42.09 22.71 20.09
C LYS A 423 42.57 21.70 19.06
N LEU A 424 42.22 20.42 19.23
CA LEU A 424 42.68 19.42 18.27
C LEU A 424 42.02 19.68 16.91
N ALA A 425 40.71 19.95 16.91
CA ALA A 425 39.96 20.22 15.70
C ALA A 425 40.57 21.41 14.94
N ARG A 426 40.81 22.54 15.65
CA ARG A 426 41.40 23.73 15.05
C ARG A 426 42.73 23.40 14.36
N GLU A 427 43.62 22.72 15.09
CA GLU A 427 44.90 22.32 14.53
C GLU A 427 44.68 21.49 13.25
N ALA A 428 43.77 20.51 13.29
CA ALA A 428 43.50 19.61 12.19
C ALA A 428 43.07 20.37 10.93
N ASP A 429 42.20 21.39 11.11
CA ASP A 429 41.81 22.29 10.02
C ASP A 429 43.04 22.98 9.40
N LEU A 430 43.96 23.49 10.22
CA LEU A 430 44.97 24.42 9.70
C LEU A 430 46.21 23.66 9.21
N THR A 431 46.59 22.59 9.91
CA THR A 431 47.65 21.71 9.43
C THR A 431 47.00 20.68 8.51
N GLY A 432 47.82 19.81 7.92
CA GLY A 432 47.29 18.70 7.12
C GLY A 432 46.72 17.55 7.98
N GLU A 433 47.06 17.52 9.28
CA GLU A 433 47.11 16.28 10.04
C GLU A 433 45.74 15.86 10.60
N SER A 434 45.63 14.54 10.69
CA SER A 434 44.48 13.87 11.25
C SER A 434 44.50 14.10 12.76
N ILE A 435 43.31 14.12 13.34
CA ILE A 435 43.14 14.20 14.79
C ILE A 435 43.92 13.08 15.52
N ARG A 436 44.00 11.86 14.95
CA ARG A 436 44.69 10.73 15.57
C ARG A 436 46.18 11.06 15.79
N GLU A 437 46.85 11.43 14.69
CA GLU A 437 48.25 11.83 14.67
C GLU A 437 48.53 12.96 15.66
N LEU A 438 47.62 13.93 15.74
CA LEU A 438 47.71 15.07 16.65
C LEU A 438 47.54 14.60 18.09
N CYS A 439 46.62 13.65 18.35
CA CYS A 439 46.46 13.11 19.69
C CYS A 439 47.78 12.50 20.18
N ILE A 440 48.48 11.83 19.27
CA ILE A 440 49.75 11.17 19.55
C ILE A 440 50.83 12.22 19.74
N LYS A 441 50.95 13.13 18.76
CA LYS A 441 51.95 14.18 18.80
C LYS A 441 51.91 15.01 20.10
N TYR A 442 50.74 15.26 20.68
CA TYR A 442 50.63 16.15 21.85
C TYR A 442 50.40 15.35 23.14
N GLY A 443 50.58 14.02 23.11
CA GLY A 443 50.45 13.17 24.28
C GLY A 443 49.05 13.19 24.91
N VAL A 444 48.02 13.49 24.13
CA VAL A 444 46.69 13.62 24.66
C VAL A 444 46.11 12.23 24.93
N LEU A 445 46.37 11.31 23.99
CA LEU A 445 46.03 9.90 24.11
C LEU A 445 47.17 9.09 23.53
N THR A 446 47.29 7.87 24.01
CA THR A 446 48.26 6.87 23.56
C THR A 446 47.73 6.22 22.27
N GLU A 447 48.62 5.75 21.40
CA GLU A 447 48.25 4.99 20.22
C GLU A 447 47.36 3.79 20.56
N GLU A 448 47.65 3.05 21.64
CA GLU A 448 46.83 1.93 22.08
C GLU A 448 45.42 2.36 22.48
N GLN A 449 45.27 3.53 23.11
CA GLN A 449 43.98 4.02 23.55
C GLN A 449 43.16 4.52 22.35
N LEU A 450 43.85 5.08 21.36
CA LEU A 450 43.23 5.50 20.11
C LEU A 450 42.79 4.30 19.27
N ASN A 451 43.54 3.18 19.34
CA ASN A 451 43.15 1.96 18.65
C ASN A 451 41.80 1.45 19.14
N GLU A 452 41.56 1.52 20.48
CA GLU A 452 40.30 1.17 21.10
C GLU A 452 39.24 2.22 20.72
N ILE A 453 39.51 3.50 20.98
CA ILE A 453 38.51 4.56 20.90
C ILE A 453 38.04 4.70 19.44
N LEU A 454 38.97 4.67 18.47
CA LEU A 454 38.64 4.91 17.09
C LEU A 454 38.52 3.58 16.35
N ASN A 455 38.40 2.48 17.10
CA ASN A 455 38.03 1.22 16.50
C ASN A 455 36.66 1.40 15.78
N PRO A 456 36.57 1.01 14.50
CA PRO A 456 35.32 1.15 13.74
C PRO A 456 34.04 0.71 14.44
N TYR A 457 34.02 -0.52 15.00
CA TYR A 457 32.88 -1.00 15.79
C TYR A 457 32.59 -0.06 16.97
N GLU A 458 33.63 0.39 17.70
CA GLU A 458 33.45 1.21 18.89
C GLU A 458 32.94 2.62 18.57
N MET A 459 33.36 3.23 17.45
CA MET A 459 32.87 4.60 17.15
C MET A 459 31.44 4.65 16.54
N ILE A 460 30.78 3.52 16.44
CA ILE A 460 29.62 3.35 15.58
C ILE A 460 28.50 2.63 16.34
N HIS A 461 28.66 2.49 17.67
CA HIS A 461 27.68 1.83 18.54
C HIS A 461 27.51 2.68 19.81
N PRO A 462 26.36 2.57 20.54
CA PRO A 462 26.14 3.34 21.78
C PRO A 462 27.14 2.96 22.86
N GLY A 463 27.30 3.82 23.87
CA GLY A 463 28.35 3.70 24.88
C GLY A 463 29.36 4.83 24.73
N ILE A 464 30.41 4.79 25.57
CA ILE A 464 31.62 5.60 25.40
C ILE A 464 32.81 4.66 25.15
N ASP B 4 9.25 45.66 24.56
CA ASP B 4 8.35 44.86 23.69
C ASP B 4 9.02 43.59 23.14
N VAL B 5 10.33 43.59 23.00
CA VAL B 5 11.05 42.45 22.46
C VAL B 5 12.21 42.10 23.37
N ARG B 6 12.72 40.87 23.24
CA ARG B 6 14.00 40.45 23.78
C ARG B 6 14.89 40.03 22.62
N ILE B 7 16.18 39.75 22.86
CA ILE B 7 17.10 39.42 21.78
C ILE B 7 17.65 38.02 22.08
N GLU B 8 17.61 37.12 21.10
CA GLU B 8 18.23 35.81 21.23
C GLU B 8 19.28 35.62 20.14
N LYS B 9 20.12 34.58 20.26
CA LYS B 9 21.25 34.38 19.38
C LYS B 9 21.46 32.89 19.10
N ASP B 10 21.96 32.57 17.92
CA ASP B 10 22.51 31.25 17.66
C ASP B 10 23.85 31.45 16.98
N PHE B 11 24.50 30.35 16.56
CA PHE B 11 25.78 30.47 15.87
C PHE B 11 25.67 31.34 14.61
N LEU B 12 24.50 31.71 14.08
CA LEU B 12 24.42 32.56 12.90
C LEU B 12 24.20 34.03 13.24
N GLY B 13 23.79 34.36 14.46
CA GLY B 13 23.55 35.77 14.73
C GLY B 13 22.40 35.94 15.70
N GLU B 14 21.87 37.17 15.76
CA GLU B 14 20.92 37.58 16.78
C GLU B 14 19.61 37.96 16.10
N LYS B 15 18.51 37.76 16.84
CA LYS B 15 17.22 38.18 16.34
C LYS B 15 16.40 38.75 17.48
N GLU B 16 15.44 39.56 17.10
CA GLU B 16 14.44 40.05 18.03
C GLU B 16 13.26 39.07 18.09
N ILE B 17 12.79 38.78 19.31
CA ILE B 17 11.62 37.98 19.57
C ILE B 17 10.63 38.82 20.39
N PRO B 18 9.31 38.84 20.09
CA PRO B 18 8.33 39.47 20.97
C PRO B 18 8.43 38.94 22.39
N LYS B 19 8.42 39.83 23.36
CA LYS B 19 8.76 39.47 24.72
C LYS B 19 7.79 38.41 25.27
N ASP B 20 6.51 38.47 24.89
CA ASP B 20 5.47 37.54 25.28
C ASP B 20 5.49 36.21 24.51
N ALA B 21 6.39 36.05 23.52
CA ALA B 21 6.52 34.80 22.78
C ALA B 21 7.43 33.81 23.55
N TYR B 22 7.10 32.52 23.41
CA TYR B 22 7.83 31.44 24.06
C TYR B 22 8.78 30.78 23.08
N TYR B 23 8.48 30.95 21.78
CA TYR B 23 9.43 30.54 20.75
C TYR B 23 10.62 31.49 20.78
N GLY B 24 11.68 31.10 20.04
CA GLY B 24 12.97 31.75 20.04
C GLY B 24 13.51 32.00 18.63
N VAL B 25 14.83 32.20 18.60
CA VAL B 25 15.56 32.63 17.43
C VAL B 25 15.45 31.58 16.32
N GLN B 26 15.59 30.30 16.62
CA GLN B 26 15.64 29.30 15.55
C GLN B 26 14.26 29.18 14.94
N THR B 27 13.22 29.42 15.75
CA THR B 27 11.86 29.41 15.31
C THR B 27 11.59 30.54 14.36
N ILE B 28 12.01 31.74 14.71
CA ILE B 28 11.79 32.91 13.89
C ILE B 28 12.51 32.75 12.55
N ARG B 29 13.71 32.19 12.57
CA ARG B 29 14.41 31.97 11.31
C ARG B 29 13.65 31.02 10.38
N ALA B 30 13.04 29.97 10.95
CA ALA B 30 12.23 29.05 10.15
C ALA B 30 11.09 29.80 9.53
N THR B 31 10.52 30.83 10.22
CA THR B 31 9.39 31.55 9.64
C THR B 31 9.88 32.44 8.49
N GLU B 32 11.13 32.86 8.48
CA GLU B 32 11.66 33.60 7.33
C GLU B 32 12.04 32.68 6.18
N ASN B 33 12.59 31.51 6.56
CA ASN B 33 13.09 30.59 5.53
C ASN B 33 11.93 29.96 4.78
N PHE B 34 10.84 29.55 5.51
CA PHE B 34 9.81 28.70 4.92
C PHE B 34 8.43 29.30 5.06
N PRO B 35 8.08 30.43 4.43
CA PRO B 35 6.71 30.95 4.50
C PRO B 35 5.92 30.33 3.36
N ILE B 36 5.64 29.03 3.48
CA ILE B 36 5.17 28.28 2.32
C ILE B 36 3.66 28.14 2.28
N THR B 37 3.06 27.47 3.27
CA THR B 37 1.66 27.19 3.36
C THR B 37 0.96 28.18 4.32
N GLY B 38 1.61 28.64 5.35
CA GLY B 38 0.88 29.29 6.44
C GLY B 38 0.09 28.35 7.35
N TYR B 39 0.17 27.01 7.16
CA TYR B 39 -0.44 26.10 8.11
C TYR B 39 0.41 25.97 9.36
N ARG B 40 -0.20 25.37 10.38
CA ARG B 40 0.48 25.08 11.65
C ARG B 40 0.56 23.57 11.74
N ILE B 41 1.52 23.02 12.47
CA ILE B 41 1.52 21.56 12.62
C ILE B 41 0.31 21.09 13.43
N HIS B 42 -0.12 19.86 13.17
CA HIS B 42 -1.25 19.29 13.86
C HIS B 42 -1.01 19.29 15.37
N PRO B 43 -2.02 19.68 16.17
CA PRO B 43 -1.91 19.66 17.64
C PRO B 43 -1.52 18.32 18.25
N GLU B 44 -1.84 17.19 17.60
CA GLU B 44 -1.38 15.91 18.10
C GLU B 44 0.13 15.82 18.04
N LEU B 45 0.74 16.39 16.98
CA LEU B 45 2.18 16.34 16.86
C LEU B 45 2.78 17.25 17.94
N ILE B 46 2.14 18.39 18.21
CA ILE B 46 2.64 19.29 19.26
C ILE B 46 2.65 18.53 20.59
N LYS B 47 1.52 17.94 20.92
CA LYS B 47 1.40 17.11 22.11
C LYS B 47 2.52 16.08 22.20
N SER B 48 2.73 15.32 21.10
CA SER B 48 3.72 14.26 21.08
C SER B 48 5.13 14.81 21.26
N LEU B 49 5.46 15.98 20.67
CA LEU B 49 6.70 16.64 20.95
C LEU B 49 6.88 16.85 22.46
N GLY B 50 5.81 17.26 23.12
CA GLY B 50 5.87 17.52 24.56
C GLY B 50 6.09 16.20 25.33
N ILE B 51 5.52 15.08 24.84
CA ILE B 51 5.74 13.78 25.45
C ILE B 51 7.20 13.38 25.30
N VAL B 52 7.76 13.70 24.14
CA VAL B 52 9.15 13.40 23.89
C VAL B 52 10.06 14.19 24.85
N LYS B 53 9.87 15.49 24.97
CA LYS B 53 10.74 16.33 25.77
C LYS B 53 10.55 16.06 27.27
N LYS B 54 9.36 15.72 27.69
CA LYS B 54 9.16 15.32 29.08
C LYS B 54 9.90 14.01 29.34
N SER B 55 9.76 13.05 28.42
CA SER B 55 10.34 11.73 28.59
C SER B 55 11.85 11.87 28.67
N ALA B 56 12.41 12.68 27.76
CA ALA B 56 13.84 12.86 27.73
C ALA B 56 14.35 13.51 29.01
N ALA B 57 13.66 14.55 29.47
CA ALA B 57 14.07 15.24 30.70
C ALA B 57 14.08 14.32 31.92
N LEU B 58 13.05 13.47 32.06
CA LEU B 58 13.02 12.47 33.12
C LEU B 58 14.20 11.50 33.00
N ALA B 59 14.44 11.00 31.79
CA ALA B 59 15.51 10.01 31.59
C ALA B 59 16.90 10.60 31.86
N ASN B 60 17.11 11.83 31.41
CA ASN B 60 18.36 12.54 31.55
C ASN B 60 18.65 12.83 33.05
N MET B 61 17.65 13.25 33.83
CA MET B 61 17.78 13.40 35.28
C MET B 61 18.09 12.05 35.93
N GLU B 62 17.28 11.03 35.65
CA GLU B 62 17.52 9.75 36.22
C GLU B 62 18.92 9.20 35.96
N VAL B 63 19.56 9.55 34.86
CA VAL B 63 20.87 8.97 34.63
C VAL B 63 21.95 9.95 35.05
N GLY B 64 21.52 11.05 35.69
CA GLY B 64 22.45 12.00 36.24
C GLY B 64 23.04 12.96 35.22
N LEU B 65 22.43 13.16 34.03
CA LEU B 65 23.01 14.06 33.02
C LEU B 65 22.47 15.48 33.17
N LEU B 66 21.25 15.60 33.68
CA LEU B 66 20.56 16.87 33.71
C LEU B 66 20.32 17.25 35.16
N ASP B 67 20.58 18.51 35.48
CA ASP B 67 20.28 19.07 36.79
C ASP B 67 18.80 18.90 37.10
N LYS B 68 18.49 18.32 38.26
CA LYS B 68 17.12 18.12 38.69
C LYS B 68 16.38 19.43 38.92
N GLU B 69 17.08 20.53 39.26
CA GLU B 69 16.37 21.79 39.43
C GLU B 69 15.78 22.21 38.07
N VAL B 70 16.65 22.34 37.04
CA VAL B 70 16.17 22.82 35.76
C VAL B 70 15.19 21.77 35.19
N GLY B 71 15.56 20.49 35.31
CA GLY B 71 14.83 19.37 34.77
C GLY B 71 13.37 19.36 35.22
N GLN B 72 13.11 19.76 36.48
CA GLN B 72 11.75 19.67 37.00
C GLN B 72 10.89 20.74 36.33
N TYR B 73 11.48 21.89 36.01
CA TYR B 73 10.72 22.93 35.34
C TYR B 73 10.50 22.57 33.86
N ILE B 74 11.49 21.91 33.24
CA ILE B 74 11.37 21.47 31.85
C ILE B 74 10.17 20.54 31.77
N VAL B 75 10.10 19.59 32.72
CA VAL B 75 8.97 18.65 32.85
C VAL B 75 7.63 19.37 33.02
N LYS B 76 7.53 20.38 33.91
CA LYS B 76 6.27 21.06 34.08
C LYS B 76 5.83 21.79 32.80
N ALA B 77 6.78 22.46 32.14
CA ALA B 77 6.52 23.15 30.88
C ALA B 77 6.08 22.12 29.83
N ALA B 78 6.75 20.97 29.78
CA ALA B 78 6.41 19.97 28.76
C ALA B 78 5.01 19.45 29.02
N ASP B 79 4.60 19.32 30.31
CA ASP B 79 3.26 18.85 30.64
C ASP B 79 2.21 19.82 30.10
N GLU B 80 2.49 21.11 30.21
CA GLU B 80 1.61 22.13 29.65
C GLU B 80 1.47 21.97 28.12
N VAL B 81 2.58 21.69 27.47
CA VAL B 81 2.55 21.48 26.02
C VAL B 81 1.70 20.25 25.70
N ILE B 82 1.88 19.19 26.50
CA ILE B 82 1.15 17.95 26.31
C ILE B 82 -0.36 18.16 26.48
N GLU B 83 -0.76 19.04 27.40
CA GLU B 83 -2.16 19.28 27.66
C GLU B 83 -2.73 20.25 26.64
N GLY B 84 -1.88 20.82 25.76
CA GLY B 84 -2.45 21.59 24.66
C GLY B 84 -2.58 23.07 25.04
N LYS B 85 -1.77 23.51 25.99
CA LYS B 85 -1.86 24.88 26.47
C LYS B 85 -1.09 25.86 25.62
N TRP B 86 -0.21 25.38 24.72
CA TRP B 86 0.69 26.29 24.04
C TRP B 86 0.70 26.10 22.52
N ASN B 87 -0.37 25.56 21.94
CA ASN B 87 -0.41 25.25 20.52
C ASN B 87 -0.08 26.49 19.67
N ASP B 88 -0.47 27.71 20.15
CA ASP B 88 -0.27 28.94 19.41
C ASP B 88 1.19 29.35 19.25
N GLN B 89 2.07 28.83 20.10
CA GLN B 89 3.49 29.16 20.06
C GLN B 89 4.25 28.27 19.04
N PHE B 90 3.57 27.29 18.46
CA PHE B 90 4.16 26.44 17.43
C PHE B 90 3.82 27.01 16.04
N ILE B 91 4.74 27.81 15.47
CA ILE B 91 4.38 28.68 14.38
C ILE B 91 5.07 28.24 13.09
N VAL B 92 5.95 27.25 13.15
CA VAL B 92 6.70 26.91 11.96
C VAL B 92 5.80 26.19 10.95
N ASP B 93 6.23 26.26 9.68
CA ASP B 93 5.47 25.72 8.58
C ASP B 93 5.62 24.19 8.56
N PRO B 94 4.57 23.41 8.29
CA PRO B 94 4.74 21.96 8.19
C PRO B 94 5.65 21.58 7.03
N ILE B 95 5.64 22.44 5.99
CA ILE B 95 6.55 22.22 4.87
C ILE B 95 7.77 23.12 5.04
N GLN B 96 8.93 22.48 5.28
CA GLN B 96 10.11 23.14 5.75
C GLN B 96 11.35 22.28 5.45
N GLY B 97 12.37 22.97 4.99
CA GLY B 97 13.74 22.48 4.91
C GLY B 97 14.33 22.24 6.29
N GLY B 98 15.43 21.48 6.30
CA GLY B 98 16.13 21.17 7.54
C GLY B 98 15.63 19.89 8.24
N ALA B 99 14.79 19.09 7.56
CA ALA B 99 14.45 17.73 7.97
C ALA B 99 13.73 17.68 9.31
N GLY B 100 13.12 18.79 9.71
CA GLY B 100 12.35 18.80 10.93
C GLY B 100 13.09 19.48 12.09
N THR B 101 14.30 19.93 11.87
CA THR B 101 15.05 20.68 12.87
C THR B 101 14.20 21.85 13.42
N SER B 102 13.55 22.60 12.54
CA SER B 102 12.80 23.80 12.97
C SER B 102 11.62 23.40 13.84
N ILE B 103 10.97 22.23 13.56
CA ILE B 103 9.92 21.72 14.44
C ILE B 103 10.49 21.31 15.79
N ASN B 104 11.63 20.62 15.77
CA ASN B 104 12.22 20.21 17.04
C ASN B 104 12.63 21.43 17.88
N MET B 105 13.20 22.44 17.21
CA MET B 105 13.66 23.67 17.86
C MET B 105 12.48 24.51 18.37
N ASN B 106 11.34 24.50 17.64
CA ASN B 106 10.16 25.20 18.12
C ASN B 106 9.75 24.58 19.48
N ALA B 107 9.77 23.23 19.57
CA ALA B 107 9.50 22.57 20.84
C ALA B 107 10.54 22.95 21.91
N ASN B 108 11.82 22.84 21.56
CA ASN B 108 12.91 23.05 22.50
C ASN B 108 12.81 24.47 23.11
N GLU B 109 12.54 25.46 22.24
CA GLU B 109 12.53 26.86 22.62
C GLU B 109 11.32 27.15 23.53
N VAL B 110 10.13 26.72 23.09
CA VAL B 110 8.91 26.97 23.85
C VAL B 110 9.02 26.38 25.26
N ILE B 111 9.48 25.13 25.34
CA ILE B 111 9.58 24.47 26.62
C ILE B 111 10.66 25.16 27.48
N ALA B 112 11.79 25.56 26.89
CA ALA B 112 12.88 26.13 27.66
C ALA B 112 12.40 27.43 28.26
N ASN B 113 11.79 28.27 27.41
CA ASN B 113 11.34 29.58 27.82
C ASN B 113 10.23 29.52 28.86
N ARG B 114 9.31 28.57 28.70
CA ARG B 114 8.24 28.44 29.69
C ARG B 114 8.81 27.94 31.02
N ALA B 115 9.76 27.00 30.93
CA ALA B 115 10.43 26.52 32.12
C ALA B 115 11.13 27.68 32.85
N LEU B 116 11.77 28.59 32.11
CA LEU B 116 12.47 29.72 32.67
C LEU B 116 11.47 30.63 33.41
N GLU B 117 10.36 30.94 32.75
CA GLU B 117 9.30 31.71 33.36
C GLU B 117 8.77 31.01 34.62
N LEU B 118 8.65 29.67 34.62
CA LEU B 118 8.21 28.97 35.81
C LEU B 118 9.24 28.97 36.94
N MET B 119 10.52 29.17 36.67
CA MET B 119 11.44 29.28 37.78
C MET B 119 11.79 30.75 38.04
N GLY B 120 11.02 31.69 37.48
CA GLY B 120 11.18 33.10 37.83
C GLY B 120 12.30 33.80 37.07
N GLU B 121 12.81 33.16 36.03
CA GLU B 121 13.88 33.75 35.21
C GLU B 121 13.31 34.45 33.98
N GLU B 122 14.21 35.07 33.21
CA GLU B 122 13.91 35.74 31.97
C GLU B 122 13.82 34.72 30.82
N LYS B 123 12.73 34.77 30.04
CA LYS B 123 12.72 34.11 28.74
C LYS B 123 13.95 34.56 27.95
N GLY B 124 14.61 33.64 27.22
CA GLY B 124 15.80 33.97 26.45
C GLY B 124 17.12 33.71 27.20
N ASN B 125 17.03 33.37 28.49
CA ASN B 125 18.24 33.21 29.27
C ASN B 125 18.69 31.75 29.18
N TYR B 126 19.38 31.49 28.08
CA TYR B 126 19.74 30.15 27.69
C TYR B 126 20.94 29.69 28.51
N SER B 127 21.57 30.62 29.25
CA SER B 127 22.60 30.24 30.21
C SER B 127 22.01 29.33 31.29
N LYS B 128 20.78 29.63 31.71
CA LYS B 128 20.13 28.90 32.76
C LYS B 128 19.39 27.68 32.21
N ILE B 129 18.59 27.85 31.14
CA ILE B 129 17.90 26.75 30.48
C ILE B 129 18.03 26.90 28.96
N SER B 130 18.80 26.00 28.36
CA SER B 130 19.15 26.03 26.96
C SER B 130 18.20 25.10 26.16
N PRO B 131 17.51 25.62 25.12
CA PRO B 131 16.80 24.79 24.15
C PRO B 131 17.65 23.61 23.71
N ASN B 132 18.89 23.90 23.28
CA ASN B 132 19.81 22.88 22.78
C ASN B 132 20.40 21.98 23.88
N SER B 133 21.00 22.58 24.93
CA SER B 133 21.83 21.81 25.87
C SER B 133 21.00 21.12 26.93
N HIS B 134 19.86 21.69 27.30
CA HIS B 134 19.02 21.02 28.30
C HIS B 134 17.80 20.29 27.68
N VAL B 135 16.96 21.05 26.94
CA VAL B 135 15.69 20.49 26.50
C VAL B 135 15.95 19.48 25.39
N ASN B 136 17.03 19.66 24.62
CA ASN B 136 17.39 18.74 23.54
C ASN B 136 18.49 17.75 23.95
N MET B 137 18.79 17.65 25.26
CA MET B 137 19.92 16.85 25.74
C MET B 137 19.70 15.39 25.36
N SER B 138 20.77 14.73 24.87
CA SER B 138 20.82 13.31 24.54
C SER B 138 20.00 13.04 23.25
N GLN B 139 19.54 14.09 22.59
CA GLN B 139 18.67 13.99 21.45
C GLN B 139 19.31 14.70 20.25
N SER B 140 18.74 14.30 19.08
CA SER B 140 18.96 14.98 17.81
C SER B 140 17.57 15.30 17.21
N THR B 141 17.54 16.20 16.22
CA THR B 141 16.38 16.28 15.37
C THR B 141 15.99 14.86 14.95
N ASN B 142 17.04 14.09 14.58
CA ASN B 142 16.86 12.87 13.82
C ASN B 142 16.40 11.69 14.66
N ASP B 143 16.31 11.89 15.98
CA ASP B 143 15.48 10.98 16.77
C ASP B 143 14.20 11.63 17.36
N ALA B 144 14.30 12.85 17.90
CA ALA B 144 13.14 13.44 18.55
C ALA B 144 11.99 13.66 17.60
N PHE B 145 12.29 14.14 16.38
CA PHE B 145 11.24 14.48 15.43
C PHE B 145 10.54 13.22 14.97
N PRO B 146 11.23 12.19 14.45
CA PRO B 146 10.49 10.98 14.04
C PRO B 146 9.80 10.26 15.21
N THR B 147 10.37 10.34 16.41
CA THR B 147 9.80 9.61 17.52
C THR B 147 8.49 10.27 17.89
N ALA B 148 8.51 11.61 17.91
CA ALA B 148 7.28 12.35 18.15
C ALA B 148 6.22 12.03 17.05
N THR B 149 6.68 11.93 15.80
CA THR B 149 5.78 11.62 14.70
C THR B 149 5.22 10.22 14.85
N HIS B 150 6.03 9.22 15.19
CA HIS B 150 5.51 7.88 15.40
C HIS B 150 4.37 7.96 16.42
N ILE B 151 4.58 8.70 17.51
CA ILE B 151 3.62 8.74 18.60
C ILE B 151 2.32 9.41 18.14
N ALA B 152 2.46 10.55 17.42
CA ALA B 152 1.31 11.29 16.91
C ALA B 152 0.49 10.48 15.89
N VAL B 153 1.20 9.80 14.99
CA VAL B 153 0.58 8.98 13.96
C VAL B 153 -0.15 7.81 14.61
N LEU B 154 0.49 7.15 15.57
CA LEU B 154 -0.16 6.10 16.31
C LEU B 154 -1.41 6.60 17.03
N SER B 155 -1.33 7.71 17.74
CA SER B 155 -2.52 8.21 18.42
C SER B 155 -3.63 8.54 17.41
N LEU B 156 -3.28 9.19 16.29
CA LEU B 156 -4.31 9.51 15.30
C LEU B 156 -4.85 8.25 14.64
N LEU B 157 -4.01 7.24 14.39
CA LEU B 157 -4.51 6.01 13.77
C LEU B 157 -5.50 5.31 14.69
N ASN B 158 -5.21 5.32 16.01
CA ASN B 158 -6.10 4.71 16.97
C ASN B 158 -7.46 5.40 16.94
N GLN B 159 -7.49 6.72 16.78
CA GLN B 159 -8.75 7.40 16.67
C GLN B 159 -9.41 7.07 15.32
N LEU B 160 -8.69 7.02 14.20
CA LEU B 160 -9.31 6.67 12.94
C LEU B 160 -9.93 5.29 13.04
N ILE B 161 -9.20 4.36 13.67
CA ILE B 161 -9.64 2.97 13.77
C ILE B 161 -10.97 2.91 14.50
N GLU B 162 -11.06 3.62 15.62
CA GLU B 162 -12.30 3.63 16.40
C GLU B 162 -13.43 4.24 15.59
N THR B 163 -13.17 5.36 14.89
CA THR B 163 -14.19 6.00 14.07
C THR B 163 -14.62 5.04 12.96
N THR B 164 -13.68 4.30 12.38
CA THR B 164 -13.99 3.48 11.20
C THR B 164 -14.76 2.24 11.66
N LYS B 165 -14.45 1.70 12.84
CA LYS B 165 -15.21 0.57 13.41
C LYS B 165 -16.66 0.96 13.65
N TYR B 166 -16.87 2.19 14.16
CA TYR B 166 -18.21 2.75 14.30
C TYR B 166 -18.91 2.82 12.94
N MET B 167 -18.22 3.32 11.90
CA MET B 167 -18.87 3.45 10.61
C MET B 167 -19.22 2.04 10.09
N GLN B 168 -18.30 1.10 10.27
CA GLN B 168 -18.44 -0.25 9.75
C GLN B 168 -19.65 -0.90 10.37
N GLN B 169 -19.80 -0.66 11.69
CA GLN B 169 -20.96 -1.20 12.42
C GLN B 169 -22.25 -0.57 11.94
N GLU B 170 -22.24 0.71 11.58
CA GLU B 170 -23.42 1.35 11.07
C GLU B 170 -23.72 0.85 9.67
N PHE B 171 -22.71 0.51 8.89
CA PHE B 171 -23.03 -0.16 7.62
C PHE B 171 -23.74 -1.51 7.86
N MET B 172 -23.24 -2.32 8.80
CA MET B 172 -23.83 -3.59 9.18
C MET B 172 -25.29 -3.45 9.65
N LYS B 173 -25.61 -2.40 10.39
CA LYS B 173 -26.99 -2.16 10.80
C LYS B 173 -27.88 -1.88 9.59
N LYS B 174 -27.36 -1.15 8.59
CA LYS B 174 -28.13 -0.89 7.39
C LYS B 174 -28.29 -2.16 6.58
N ALA B 175 -27.27 -3.00 6.59
CA ALA B 175 -27.36 -4.27 5.89
C ALA B 175 -28.52 -5.09 6.47
N ASP B 176 -28.59 -5.09 7.81
CA ASP B 176 -29.68 -5.75 8.52
C ASP B 176 -31.02 -5.11 8.20
N GLU B 177 -31.14 -3.78 8.30
CA GLU B 177 -32.39 -3.10 7.96
C GLU B 177 -32.84 -3.45 6.53
N PHE B 178 -31.91 -3.71 5.62
CA PHE B 178 -32.28 -3.89 4.24
C PHE B 178 -32.17 -5.35 3.79
N ALA B 179 -31.99 -6.27 4.75
CA ALA B 179 -31.82 -7.69 4.49
C ALA B 179 -33.01 -8.25 3.67
N GLY B 180 -34.23 -7.70 3.78
CA GLY B 180 -35.33 -8.22 3.01
C GLY B 180 -35.56 -7.50 1.69
N VAL B 181 -34.80 -6.44 1.39
CA VAL B 181 -35.13 -5.57 0.28
C VAL B 181 -34.53 -6.12 -1.01
N ILE B 182 -35.40 -6.51 -1.95
CA ILE B 182 -34.94 -7.13 -3.17
C ILE B 182 -34.75 -6.03 -4.20
N LYS B 183 -33.76 -6.24 -5.08
CA LYS B 183 -33.49 -5.32 -6.19
C LYS B 183 -32.78 -6.11 -7.29
N MET B 184 -32.50 -5.42 -8.38
CA MET B 184 -31.70 -5.97 -9.49
C MET B 184 -30.22 -5.61 -9.30
N GLY B 185 -29.38 -6.67 -9.24
CA GLY B 185 -27.94 -6.52 -9.37
C GLY B 185 -27.56 -6.07 -10.77
N ARG B 186 -26.53 -5.24 -10.87
CA ARG B 186 -26.06 -4.75 -12.17
C ARG B 186 -24.59 -5.05 -12.32
N ILE B 187 -24.21 -5.55 -13.51
CA ILE B 187 -22.82 -5.73 -13.89
C ILE B 187 -22.62 -4.94 -15.16
N HIS B 188 -21.56 -4.12 -15.22
CA HIS B 188 -21.37 -3.22 -16.33
C HIS B 188 -22.46 -2.16 -16.42
N LEU B 189 -23.25 -2.00 -15.36
CA LEU B 189 -24.43 -1.15 -15.35
C LEU B 189 -25.55 -1.78 -16.21
N GLN B 190 -25.40 -3.06 -16.57
CA GLN B 190 -26.46 -3.82 -17.24
C GLN B 190 -27.22 -4.66 -16.20
N ASP B 191 -28.56 -4.71 -16.31
CA ASP B 191 -29.40 -5.54 -15.46
C ASP B 191 -28.86 -6.97 -15.46
N ALA B 192 -28.77 -7.60 -14.28
CA ALA B 192 -28.20 -8.92 -14.20
C ALA B 192 -29.24 -9.86 -13.59
N VAL B 193 -29.03 -10.24 -12.32
CA VAL B 193 -29.92 -11.10 -11.57
C VAL B 193 -30.21 -10.43 -10.23
N PRO B 194 -31.25 -10.87 -9.50
CA PRO B 194 -31.65 -10.23 -8.26
C PRO B 194 -30.58 -10.34 -7.19
N ILE B 195 -30.64 -9.32 -6.31
CA ILE B 195 -29.75 -9.27 -5.17
C ILE B 195 -30.50 -8.52 -4.06
N LEU B 196 -30.07 -8.70 -2.82
CA LEU B 196 -30.65 -7.95 -1.73
C LEU B 196 -29.84 -6.67 -1.53
N LEU B 197 -30.52 -5.56 -1.27
CA LEU B 197 -29.85 -4.31 -0.95
C LEU B 197 -28.96 -4.53 0.26
N GLY B 198 -29.41 -5.42 1.14
CA GLY B 198 -28.69 -5.72 2.37
C GLY B 198 -27.42 -6.52 2.08
N GLN B 199 -27.41 -7.33 1.04
CA GLN B 199 -26.15 -7.93 0.60
C GLN B 199 -25.12 -6.90 0.09
N GLU B 200 -25.53 -5.88 -0.67
CA GLU B 200 -24.61 -4.84 -1.08
C GLU B 200 -24.09 -4.11 0.17
N PHE B 201 -24.96 -3.76 1.13
CA PHE B 201 -24.49 -3.02 2.29
C PHE B 201 -23.58 -3.89 3.12
N GLU B 202 -23.73 -5.22 3.05
CA GLU B 202 -22.85 -6.09 3.79
C GLU B 202 -21.52 -6.20 3.06
N ALA B 203 -21.55 -6.18 1.72
CA ALA B 203 -20.31 -6.08 0.97
C ALA B 203 -19.51 -4.81 1.36
N TYR B 204 -20.25 -3.73 1.61
CA TYR B 204 -19.61 -2.46 2.02
C TYR B 204 -19.00 -2.62 3.40
N ALA B 205 -19.75 -3.25 4.33
CA ALA B 205 -19.28 -3.43 5.69
C ALA B 205 -18.04 -4.31 5.71
N ARG B 206 -18.01 -5.30 4.81
CA ARG B 206 -16.93 -6.26 4.85
C ARG B 206 -15.63 -5.70 4.32
N VAL B 207 -15.67 -4.87 3.23
CA VAL B 207 -14.45 -4.28 2.73
C VAL B 207 -13.92 -3.33 3.81
N ILE B 208 -14.82 -2.64 4.49
CA ILE B 208 -14.41 -1.69 5.51
C ILE B 208 -13.77 -2.40 6.70
N ALA B 209 -14.31 -3.61 7.08
CA ALA B 209 -13.68 -4.46 8.09
C ALA B 209 -12.27 -4.79 7.65
N ARG B 210 -12.09 -5.11 6.35
CA ARG B 210 -10.74 -5.44 5.87
C ARG B 210 -9.80 -4.24 5.90
N ASP B 211 -10.37 -3.03 5.76
CA ASP B 211 -9.58 -1.83 5.81
C ASP B 211 -9.14 -1.54 7.23
N ILE B 212 -10.05 -1.78 8.16
CA ILE B 212 -9.69 -1.62 9.58
C ILE B 212 -8.53 -2.51 9.92
N GLU B 213 -8.55 -3.75 9.46
CA GLU B 213 -7.49 -4.66 9.74
C GLU B 213 -6.19 -4.21 9.10
N ARG B 214 -6.21 -3.76 7.84
CA ARG B 214 -5.01 -3.28 7.20
C ARG B 214 -4.43 -2.10 7.98
N ILE B 215 -5.28 -1.14 8.26
CA ILE B 215 -4.80 0.07 8.94
C ILE B 215 -4.27 -0.28 10.33
N ALA B 216 -5.03 -1.04 11.14
CA ALA B 216 -4.52 -1.52 12.42
C ALA B 216 -3.16 -2.19 12.34
N ASN B 217 -2.95 -3.06 11.34
CA ASN B 217 -1.70 -3.79 11.21
C ASN B 217 -0.49 -2.87 10.85
N THR B 218 -0.72 -1.65 10.31
CA THR B 218 0.38 -0.74 10.01
C THR B 218 0.96 -0.10 11.25
N ARG B 219 0.26 -0.16 12.35
CA ARG B 219 0.84 0.36 13.56
C ARG B 219 2.10 -0.38 14.04
N ASN B 220 2.18 -1.65 13.72
CA ASN B 220 3.20 -2.49 14.34
C ASN B 220 4.58 -1.95 14.04
N ASN B 221 4.85 -1.58 12.76
CA ASN B 221 6.16 -1.08 12.40
C ASN B 221 6.41 0.30 13.00
N LEU B 222 5.40 1.05 13.44
CA LEU B 222 5.63 2.33 14.06
C LEU B 222 5.97 2.22 15.55
N TYR B 223 5.77 1.06 16.19
CA TYR B 223 6.08 0.92 17.61
C TYR B 223 7.59 0.94 17.87
N ASP B 224 8.39 0.59 16.87
CA ASP B 224 9.86 0.72 16.90
C ASP B 224 10.31 2.16 16.74
N ILE B 225 10.99 2.71 17.75
CA ILE B 225 11.42 4.09 17.71
C ILE B 225 12.94 4.09 17.76
N ASN B 226 13.52 5.27 17.47
CA ASN B 226 14.97 5.37 17.33
C ASN B 226 15.64 6.32 18.32
N MET B 227 14.98 6.57 19.45
CA MET B 227 15.50 7.44 20.48
C MET B 227 16.87 6.91 20.95
N GLY B 228 17.91 7.74 20.90
CA GLY B 228 19.27 7.30 21.15
C GLY B 228 20.13 7.18 19.90
N ALA B 229 19.52 7.41 18.74
CA ALA B 229 20.20 7.34 17.46
C ALA B 229 21.33 8.34 17.32
N THR B 230 21.27 9.45 18.04
CA THR B 230 22.09 10.63 17.78
C THR B 230 22.03 11.01 16.28
N ALA B 231 23.11 11.50 15.70
CA ALA B 231 23.06 12.19 14.41
C ALA B 231 22.70 11.28 13.25
N VAL B 232 23.15 10.01 13.31
CA VAL B 232 23.05 9.15 12.14
C VAL B 232 22.53 7.76 12.43
N GLY B 233 22.23 7.49 13.69
CA GLY B 233 21.80 6.15 14.03
C GLY B 233 22.89 5.32 14.70
N THR B 234 24.11 5.82 14.82
CA THR B 234 25.14 4.97 15.44
C THR B 234 24.95 4.95 16.94
N GLY B 235 24.32 6.00 17.48
CA GLY B 235 24.14 6.06 18.91
C GLY B 235 25.45 6.43 19.62
N LEU B 236 26.45 6.87 18.85
CA LEU B 236 27.76 7.11 19.42
C LEU B 236 27.58 8.15 20.54
N ASN B 237 28.07 7.77 21.75
CA ASN B 237 28.04 8.62 22.93
C ASN B 237 26.66 8.64 23.60
N ALA B 238 25.65 7.95 23.06
CA ALA B 238 24.42 7.78 23.80
C ALA B 238 24.67 6.75 24.88
N ASP B 239 24.01 6.98 26.00
CA ASP B 239 24.03 6.07 27.11
C ASP B 239 22.92 5.07 26.94
N PRO B 240 23.23 3.76 26.82
CA PRO B 240 22.20 2.73 26.76
C PRO B 240 21.18 2.77 27.89
N GLU B 241 21.54 3.23 29.09
CA GLU B 241 20.53 3.27 30.14
C GLU B 241 19.57 4.42 29.85
N TYR B 242 20.05 5.56 29.32
CA TYR B 242 19.20 6.64 28.83
C TYR B 242 18.19 6.10 27.79
N ILE B 243 18.68 5.27 26.87
CA ILE B 243 17.82 4.77 25.81
C ILE B 243 16.71 3.93 26.41
N SER B 244 17.06 2.97 27.26
CA SER B 244 16.09 2.09 27.89
C SER B 244 15.05 2.88 28.68
N ILE B 245 15.50 3.85 29.47
CA ILE B 245 14.58 4.57 30.33
C ILE B 245 13.69 5.54 29.56
N VAL B 246 14.26 6.32 28.62
CA VAL B 246 13.41 7.18 27.80
C VAL B 246 12.36 6.36 27.04
N THR B 247 12.73 5.19 26.50
CA THR B 247 11.76 4.35 25.81
C THR B 247 10.58 3.99 26.70
N GLU B 248 10.87 3.56 27.94
CA GLU B 248 9.79 3.16 28.83
C GLU B 248 8.93 4.39 29.15
N HIS B 249 9.53 5.57 29.43
CA HIS B 249 8.67 6.76 29.64
C HIS B 249 7.79 7.06 28.40
N LEU B 250 8.37 6.96 27.19
CA LEU B 250 7.63 7.31 25.98
C LEU B 250 6.43 6.41 25.84
N ALA B 251 6.64 5.10 26.08
CA ALA B 251 5.58 4.10 26.04
C ALA B 251 4.49 4.40 27.05
N LYS B 252 4.93 4.61 28.29
CA LYS B 252 4.00 4.83 29.37
C LYS B 252 3.24 6.13 29.19
N PHE B 253 3.88 7.27 28.88
CA PHE B 253 3.12 8.51 28.76
C PHE B 253 2.26 8.56 27.51
N SER B 254 2.65 7.87 26.43
CA SER B 254 1.90 7.99 25.19
C SER B 254 0.79 6.97 25.15
N GLY B 255 0.99 5.86 25.91
CA GLY B 255 -0.01 4.80 25.95
C GLY B 255 0.24 3.79 24.83
N HIS B 256 1.39 3.87 24.13
CA HIS B 256 1.59 2.95 23.03
C HIS B 256 2.66 1.95 23.46
N PRO B 257 2.59 0.69 23.00
CA PRO B 257 3.67 -0.25 23.28
C PRO B 257 4.94 -0.05 22.45
N LEU B 258 5.62 1.07 22.69
CA LEU B 258 6.82 1.43 21.97
C LEU B 258 7.98 0.52 22.36
N ARG B 259 8.89 0.30 21.42
CA ARG B 259 10.03 -0.59 21.57
C ARG B 259 11.22 0.15 21.00
N SER B 260 12.41 -0.02 21.57
CA SER B 260 13.64 0.57 21.06
C SER B 260 14.06 -0.20 19.82
N ALA B 261 14.16 0.42 18.65
CA ALA B 261 14.50 -0.36 17.46
C ALA B 261 15.75 -1.21 17.70
N GLN B 262 15.76 -2.41 17.11
CA GLN B 262 16.90 -3.30 17.21
C GLN B 262 18.13 -2.71 16.49
N HIS B 263 17.98 -1.92 15.41
CA HIS B 263 19.12 -1.41 14.65
C HIS B 263 18.84 0.04 14.37
N LEU B 264 19.50 0.90 15.11
CA LEU B 264 19.19 2.32 15.09
C LEU B 264 19.54 2.97 13.75
N VAL B 265 20.50 2.45 12.99
CA VAL B 265 20.82 3.02 11.69
C VAL B 265 19.66 2.75 10.71
N ASP B 266 19.17 1.49 10.66
CA ASP B 266 17.98 1.15 9.91
C ASP B 266 16.83 2.12 10.28
N ALA B 267 16.54 2.25 11.57
CA ALA B 267 15.41 3.02 12.06
C ALA B 267 15.57 4.52 11.83
N THR B 268 16.77 5.01 11.56
CA THR B 268 16.98 6.43 11.38
C THR B 268 16.84 6.79 9.91
N GLN B 269 17.15 5.86 9.00
CA GLN B 269 17.27 6.28 7.60
C GLN B 269 16.13 5.74 6.72
N ASN B 270 15.41 4.70 7.15
CA ASN B 270 14.34 4.09 6.37
C ASN B 270 12.99 4.71 6.77
N THR B 271 12.06 4.85 5.81
CA THR B 271 10.81 5.56 5.99
C THR B 271 9.67 4.66 5.54
N ASP B 272 9.92 3.33 5.42
CA ASP B 272 8.92 2.40 4.96
C ASP B 272 7.73 2.29 5.92
N CYS B 273 7.95 2.58 7.21
CA CYS B 273 6.85 2.51 8.17
C CYS B 273 5.78 3.51 7.76
N TYR B 274 6.20 4.66 7.21
CA TYR B 274 5.24 5.70 6.88
C TYR B 274 4.51 5.40 5.59
N THR B 275 5.19 4.87 4.55
CA THR B 275 4.51 4.64 3.31
C THR B 275 3.57 3.45 3.49
N GLU B 276 3.92 2.50 4.39
CA GLU B 276 3.04 1.38 4.66
C GLU B 276 1.71 1.92 5.23
N VAL B 277 1.78 2.88 6.14
CA VAL B 277 0.55 3.48 6.63
C VAL B 277 -0.19 4.18 5.49
N SER B 278 0.52 5.04 4.72
CA SER B 278 -0.17 5.82 3.68
C SER B 278 -0.89 4.86 2.72
N SER B 279 -0.23 3.74 2.37
CA SER B 279 -0.80 2.73 1.50
C SER B 279 -2.11 2.15 1.99
N ALA B 280 -2.22 1.84 3.28
CA ALA B 280 -3.42 1.27 3.84
C ALA B 280 -4.54 2.32 3.87
N LEU B 281 -4.15 3.59 4.08
CA LEU B 281 -5.12 4.69 4.03
C LEU B 281 -5.66 4.88 2.61
N LYS B 282 -4.78 4.76 1.60
CA LYS B 282 -5.18 4.91 0.22
C LYS B 282 -6.15 3.79 -0.11
N VAL B 283 -5.76 2.54 0.15
CA VAL B 283 -6.64 1.41 -0.14
C VAL B 283 -8.02 1.61 0.49
N CYS B 284 -8.06 1.99 1.75
CA CYS B 284 -9.32 2.26 2.39
C CYS B 284 -10.16 3.30 1.60
N MET B 285 -9.55 4.40 1.19
CA MET B 285 -10.28 5.44 0.51
C MET B 285 -10.66 5.03 -0.94
N ILE B 286 -9.94 4.14 -1.60
CA ILE B 286 -10.39 3.56 -2.85
C ILE B 286 -11.75 2.93 -2.64
N ASN B 287 -11.87 2.14 -1.57
CA ASN B 287 -13.09 1.39 -1.27
C ASN B 287 -14.20 2.33 -0.90
N MET B 288 -13.90 3.35 -0.11
CA MET B 288 -14.93 4.26 0.32
C MET B 288 -15.42 5.11 -0.85
N SER B 289 -14.55 5.45 -1.82
CA SER B 289 -14.94 6.25 -2.96
C SER B 289 -15.87 5.44 -3.82
N LYS B 290 -15.55 4.18 -4.02
CA LYS B 290 -16.40 3.28 -4.80
C LYS B 290 -17.78 3.20 -4.14
N ILE B 291 -17.81 3.00 -2.84
CA ILE B 291 -19.05 2.96 -2.11
C ILE B 291 -19.85 4.23 -2.26
N ALA B 292 -19.16 5.36 -2.08
CA ALA B 292 -19.81 6.64 -2.31
C ALA B 292 -20.40 6.80 -3.71
N ASN B 293 -19.63 6.40 -4.76
CA ASN B 293 -20.10 6.42 -6.13
C ASN B 293 -21.38 5.59 -6.30
N ASP B 294 -21.44 4.41 -5.67
CA ASP B 294 -22.64 3.60 -5.69
C ASP B 294 -23.79 4.34 -5.01
N LEU B 295 -23.53 4.96 -3.87
CA LEU B 295 -24.62 5.62 -3.18
C LEU B 295 -25.19 6.74 -4.05
N ARG B 296 -24.30 7.41 -4.80
CA ARG B 296 -24.73 8.55 -5.60
C ARG B 296 -25.56 8.10 -6.79
N LEU B 297 -25.17 6.97 -7.38
CA LEU B 297 -26.00 6.34 -8.42
C LEU B 297 -27.38 5.85 -7.91
N MET B 298 -27.40 5.20 -6.72
CA MET B 298 -28.63 4.74 -6.13
C MET B 298 -29.51 5.93 -5.77
N ALA B 299 -28.93 7.07 -5.39
CA ALA B 299 -29.78 8.19 -5.00
C ALA B 299 -30.15 9.03 -6.22
N SER B 300 -29.68 8.70 -7.43
CA SER B 300 -29.98 9.53 -8.59
C SER B 300 -31.49 9.64 -8.81
N GLY B 301 -31.88 10.76 -9.41
CA GLY B 301 -33.30 10.98 -9.68
C GLY B 301 -33.75 12.41 -9.40
N PRO B 302 -34.98 12.68 -8.89
CA PRO B 302 -35.93 11.65 -8.47
C PRO B 302 -36.78 10.96 -9.54
N ARG B 303 -36.85 11.47 -10.76
CA ARG B 303 -37.74 10.86 -11.74
C ARG B 303 -37.00 10.24 -12.91
N ALA B 304 -35.85 10.79 -13.28
CA ALA B 304 -35.08 10.27 -14.41
C ALA B 304 -33.77 9.63 -13.95
N GLY B 305 -33.81 8.96 -12.80
CA GLY B 305 -32.61 8.28 -12.29
C GLY B 305 -33.00 6.91 -11.74
N LEU B 306 -32.10 6.27 -10.98
CA LEU B 306 -32.33 4.93 -10.48
C LEU B 306 -33.27 4.97 -9.28
N SER B 307 -33.09 5.98 -8.42
CA SER B 307 -33.98 6.23 -7.29
C SER B 307 -34.22 4.99 -6.44
N GLU B 308 -33.15 4.30 -6.09
CA GLU B 308 -33.23 3.14 -5.22
C GLU B 308 -33.20 3.53 -3.74
N ILE B 309 -32.49 4.61 -3.37
CA ILE B 309 -32.42 5.03 -1.97
C ILE B 309 -32.67 6.53 -1.85
N VAL B 310 -32.91 6.98 -0.63
CA VAL B 310 -33.04 8.38 -0.27
C VAL B 310 -32.05 8.63 0.85
N LEU B 311 -31.21 9.62 0.69
CA LEU B 311 -30.25 10.09 1.65
C LEU B 311 -30.89 11.21 2.45
N PRO B 312 -30.55 11.37 3.73
CA PRO B 312 -30.94 12.57 4.48
C PRO B 312 -30.55 13.84 3.73
N ALA B 313 -31.49 14.79 3.59
CA ALA B 313 -31.21 16.08 3.03
C ALA B 313 -30.32 16.89 3.98
N ARG B 314 -29.24 17.49 3.51
CA ARG B 314 -28.30 18.12 4.45
C ARG B 314 -28.11 19.60 4.14
N GLN B 315 -28.48 20.02 2.92
CA GLN B 315 -28.43 21.41 2.55
C GLN B 315 -29.21 21.58 1.26
N PRO B 316 -29.77 22.77 1.00
CA PRO B 316 -30.35 23.08 -0.31
C PRO B 316 -29.35 22.71 -1.41
N GLY B 317 -29.86 22.13 -2.50
CA GLY B 317 -29.00 21.66 -3.57
C GLY B 317 -28.75 22.72 -4.63
N SER B 318 -29.64 23.69 -4.74
CA SER B 318 -29.68 24.61 -5.87
C SER B 318 -30.55 25.78 -5.44
N SER B 319 -30.25 26.95 -5.98
CA SER B 319 -31.09 28.10 -5.73
C SER B 319 -32.06 28.30 -6.89
N ILE B 320 -31.98 27.42 -7.91
CA ILE B 320 -32.65 27.66 -9.19
C ILE B 320 -33.41 26.41 -9.68
N ILE B 321 -32.94 25.19 -9.40
CA ILE B 321 -33.82 24.04 -9.50
C ILE B 321 -34.61 23.96 -8.23
N PRO B 322 -35.95 24.12 -8.28
CA PRO B 322 -36.76 24.12 -7.07
C PRO B 322 -36.70 22.74 -6.41
N GLY B 323 -36.35 22.79 -5.11
CA GLY B 323 -36.37 21.66 -4.19
C GLY B 323 -35.32 20.57 -4.47
N MET B 324 -34.25 20.89 -5.20
CA MET B 324 -33.19 19.92 -5.43
C MET B 324 -32.46 19.61 -4.12
N VAL B 325 -32.29 18.28 -3.93
CA VAL B 325 -31.31 17.75 -2.96
C VAL B 325 -30.25 16.79 -3.54
N CYS B 326 -29.00 17.13 -3.23
CA CYS B 326 -27.80 16.51 -3.79
C CYS B 326 -27.16 15.66 -2.72
N PRO B 327 -26.48 14.56 -3.12
CA PRO B 327 -25.84 13.61 -2.19
C PRO B 327 -24.48 14.16 -1.73
N VAL B 328 -24.55 15.19 -0.88
CA VAL B 328 -23.38 15.99 -0.59
C VAL B 328 -22.42 15.20 0.29
N MET B 329 -22.95 14.27 1.13
CA MET B 329 -22.06 13.53 2.02
C MET B 329 -21.29 12.47 1.24
N PRO B 330 -21.90 11.66 0.36
CA PRO B 330 -21.03 10.85 -0.50
C PRO B 330 -20.02 11.66 -1.29
N GLU B 331 -20.43 12.83 -1.80
CA GLU B 331 -19.55 13.64 -2.65
C GLU B 331 -18.31 14.10 -1.88
N VAL B 332 -18.48 14.51 -0.62
CA VAL B 332 -17.34 14.93 0.17
C VAL B 332 -16.44 13.73 0.49
N MET B 333 -17.02 12.54 0.65
CA MET B 333 -16.23 11.32 0.82
C MET B 333 -15.37 11.08 -0.42
N ASN B 334 -15.94 11.19 -1.64
CA ASN B 334 -15.14 11.05 -2.84
C ASN B 334 -13.96 12.03 -2.88
N GLN B 335 -14.20 13.27 -2.47
CA GLN B 335 -13.22 14.31 -2.55
C GLN B 335 -12.10 14.02 -1.58
N VAL B 336 -12.42 13.53 -0.42
CA VAL B 336 -11.42 13.19 0.59
C VAL B 336 -10.62 11.99 0.06
N ALA B 337 -11.23 11.07 -0.67
CA ALA B 337 -10.46 10.02 -1.29
C ALA B 337 -9.42 10.55 -2.25
N PHE B 338 -9.87 11.43 -3.17
CA PHE B 338 -8.97 12.01 -4.14
C PHE B 338 -7.86 12.75 -3.42
N GLN B 339 -8.17 13.44 -2.34
CA GLN B 339 -7.10 14.10 -1.59
C GLN B 339 -6.09 13.08 -1.01
N VAL B 340 -6.57 11.95 -0.47
CA VAL B 340 -5.66 10.97 0.12
C VAL B 340 -4.82 10.33 -0.99
N PHE B 341 -5.41 10.14 -2.16
CA PHE B 341 -4.65 9.53 -3.25
C PHE B 341 -3.45 10.40 -3.57
N GLY B 342 -3.69 11.71 -3.61
CA GLY B 342 -2.63 12.61 -3.92
C GLY B 342 -1.61 12.67 -2.80
N ASN B 343 -2.11 12.71 -1.55
CA ASN B 343 -1.21 12.75 -0.42
C ASN B 343 -0.28 11.53 -0.46
N ASP B 344 -0.80 10.38 -0.86
CA ASP B 344 0.03 9.18 -0.91
C ASP B 344 1.12 9.28 -1.99
N LEU B 345 0.86 9.96 -3.13
CA LEU B 345 1.89 10.15 -4.11
C LEU B 345 2.94 11.11 -3.58
N THR B 346 2.52 12.18 -2.83
CA THR B 346 3.52 13.07 -2.25
C THR B 346 4.41 12.27 -1.28
N ILE B 347 3.78 11.35 -0.50
CA ILE B 347 4.49 10.54 0.48
C ILE B 347 5.45 9.56 -0.21
N THR B 348 5.01 8.94 -1.27
CA THR B 348 5.85 8.05 -2.08
C THR B 348 7.10 8.77 -2.56
N SER B 349 6.90 9.93 -3.17
CA SER B 349 8.00 10.69 -3.75
C SER B 349 8.97 11.17 -2.66
N ALA B 350 8.46 11.58 -1.52
CA ALA B 350 9.30 12.04 -0.43
C ALA B 350 10.08 10.86 0.19
N SER B 351 9.45 9.66 0.30
CA SER B 351 10.15 8.54 0.93
C SER B 351 11.27 8.10 -0.04
N GLU B 352 10.98 8.12 -1.33
CA GLU B 352 11.95 7.71 -2.36
C GLU B 352 13.21 8.59 -2.39
N ALA B 353 13.12 9.81 -1.86
CA ALA B 353 14.16 10.82 -1.96
C ALA B 353 15.21 10.75 -0.86
N GLY B 354 15.11 9.74 0.01
CA GLY B 354 16.04 9.60 1.11
C GLY B 354 17.44 9.37 0.62
N GLN B 355 18.41 9.92 1.36
CA GLN B 355 19.80 9.81 0.95
C GLN B 355 20.63 9.42 2.16
N PHE B 356 21.38 8.33 1.97
CA PHE B 356 22.26 7.84 3.01
C PHE B 356 21.53 7.81 4.34
N GLU B 357 22.14 8.46 5.35
CA GLU B 357 21.70 8.25 6.74
C GLU B 357 20.42 9.00 7.12
N LEU B 358 19.82 9.81 6.21
CA LEU B 358 18.62 10.53 6.62
C LEU B 358 17.75 10.86 5.41
N ASN B 359 16.44 10.80 5.62
CA ASN B 359 15.50 11.27 4.63
C ASN B 359 15.07 12.68 5.03
N VAL B 360 15.59 13.70 4.34
CA VAL B 360 15.35 15.09 4.70
C VAL B 360 13.94 15.54 4.28
N MET B 361 13.18 14.70 3.56
CA MET B 361 11.92 15.14 2.99
C MET B 361 10.78 14.81 3.93
N GLU B 362 11.08 14.43 5.19
CA GLU B 362 10.08 13.94 6.11
C GLU B 362 9.05 15.00 6.45
N PRO B 363 9.37 16.28 6.51
CA PRO B 363 8.34 17.21 6.90
C PRO B 363 7.12 17.13 5.97
N VAL B 364 7.28 17.14 4.65
CA VAL B 364 6.15 17.10 3.77
C VAL B 364 5.50 15.71 3.80
N LEU B 365 6.28 14.64 4.01
CA LEU B 365 5.78 13.29 4.18
C LEU B 365 4.83 13.27 5.39
N PHE B 366 5.28 13.81 6.52
CA PHE B 366 4.51 13.73 7.77
C PHE B 366 3.31 14.65 7.77
N PHE B 367 3.47 15.82 7.14
CA PHE B 367 2.32 16.71 6.95
C PHE B 367 1.20 15.99 6.20
N ASN B 368 1.55 15.35 5.09
CA ASN B 368 0.60 14.63 4.30
C ASN B 368 -0.02 13.45 5.09
N LEU B 369 0.81 12.67 5.78
CA LEU B 369 0.31 11.45 6.37
C LEU B 369 -0.68 11.81 7.50
N ILE B 370 -0.36 12.85 8.26
CA ILE B 370 -1.21 13.29 9.32
C ILE B 370 -2.50 13.87 8.78
N GLN B 371 -2.38 14.62 7.67
CA GLN B 371 -3.55 15.14 7.03
C GLN B 371 -4.46 14.02 6.56
N SER B 372 -3.91 13.00 5.88
CA SER B 372 -4.74 11.90 5.45
C SER B 372 -5.53 11.33 6.62
N ILE B 373 -4.87 11.04 7.73
CA ILE B 373 -5.50 10.30 8.82
C ILE B 373 -6.61 11.20 9.40
N SER B 374 -6.27 12.45 9.55
CA SER B 374 -7.15 13.43 10.13
C SER B 374 -8.39 13.67 9.28
N ILE B 375 -8.23 13.87 7.95
CA ILE B 375 -9.41 14.17 7.15
C ILE B 375 -10.26 12.92 6.95
N MET B 376 -9.64 11.74 6.95
CA MET B 376 -10.45 10.51 6.89
C MET B 376 -11.28 10.37 8.17
N THR B 377 -10.71 10.65 9.31
CA THR B 377 -11.46 10.55 10.57
C THR B 377 -12.67 11.48 10.52
N ASN B 378 -12.46 12.74 10.09
CA ASN B 378 -13.47 13.76 10.12
C ASN B 378 -14.56 13.46 9.10
N VAL B 379 -14.21 12.93 7.93
CA VAL B 379 -15.24 12.71 6.95
C VAL B 379 -16.01 11.45 7.30
N PHE B 380 -15.32 10.45 7.83
CA PHE B 380 -16.03 9.27 8.27
C PHE B 380 -17.01 9.60 9.39
N LYS B 381 -16.65 10.39 10.40
CA LYS B 381 -17.60 10.75 11.42
C LYS B 381 -18.80 11.47 10.82
N SER B 382 -18.53 12.48 10.01
CA SER B 382 -19.61 13.29 9.49
C SER B 382 -20.49 12.47 8.54
N PHE B 383 -19.88 11.62 7.70
CA PHE B 383 -20.67 10.79 6.81
C PHE B 383 -21.53 9.79 7.59
N THR B 384 -20.99 9.20 8.67
CA THR B 384 -21.75 8.23 9.42
C THR B 384 -22.98 8.93 10.05
N GLU B 385 -22.76 10.07 10.71
CA GLU B 385 -23.85 10.74 11.43
C GLU B 385 -24.84 11.44 10.48
N ASN B 386 -24.39 12.00 9.35
CA ASN B 386 -25.21 12.92 8.58
C ASN B 386 -25.77 12.25 7.32
N CYS B 387 -25.50 10.98 7.12
CA CYS B 387 -25.94 10.32 5.91
C CYS B 387 -26.28 8.86 6.21
N LEU B 388 -25.27 8.06 6.56
CA LEU B 388 -25.39 6.62 6.51
C LEU B 388 -26.53 6.18 7.44
N LYS B 389 -26.62 6.71 8.66
CA LYS B 389 -27.60 6.20 9.61
C LYS B 389 -29.05 6.37 9.13
N GLY B 390 -29.28 7.45 8.37
CA GLY B 390 -30.54 7.93 7.92
C GLY B 390 -30.93 7.40 6.54
N ILE B 391 -30.10 6.61 5.87
CA ILE B 391 -30.45 6.16 4.52
C ILE B 391 -31.74 5.34 4.52
N LYS B 392 -32.64 5.61 3.53
CA LYS B 392 -33.87 4.82 3.38
C LYS B 392 -33.94 4.20 2.00
N ALA B 393 -34.64 3.09 1.87
CA ALA B 393 -34.81 2.34 0.62
C ALA B 393 -36.14 2.65 -0.05
N ASN B 394 -36.18 2.88 -1.38
CA ASN B 394 -37.43 2.93 -2.12
C ASN B 394 -37.80 1.52 -2.58
N GLU B 395 -38.34 0.77 -1.63
CA GLU B 395 -38.62 -0.65 -1.81
C GLU B 395 -39.50 -0.97 -3.01
N GLU B 396 -40.53 -0.14 -3.25
CA GLU B 396 -41.49 -0.38 -4.33
C GLU B 396 -40.78 -0.29 -5.68
N ARG B 397 -40.01 0.78 -5.87
CA ARG B 397 -39.26 0.97 -7.08
C ARG B 397 -38.36 -0.24 -7.35
N MET B 398 -37.64 -0.71 -6.34
CA MET B 398 -36.66 -1.78 -6.54
C MET B 398 -37.38 -3.09 -6.84
N LYS B 399 -38.54 -3.27 -6.20
CA LYS B 399 -39.37 -4.45 -6.43
C LYS B 399 -39.88 -4.43 -7.86
N GLU B 400 -40.22 -3.25 -8.36
CA GLU B 400 -40.71 -3.13 -9.73
C GLU B 400 -39.58 -3.45 -10.71
N TYR B 401 -38.32 -3.10 -10.39
CA TYR B 401 -37.20 -3.51 -11.25
C TYR B 401 -37.13 -5.03 -11.35
N VAL B 402 -37.30 -5.73 -10.22
CA VAL B 402 -37.17 -7.17 -10.23
C VAL B 402 -38.34 -7.74 -11.00
N GLU B 403 -39.55 -7.19 -10.79
CA GLU B 403 -40.79 -7.70 -11.37
C GLU B 403 -40.72 -7.63 -12.90
N LYS B 404 -40.02 -6.61 -13.43
CA LYS B 404 -39.96 -6.31 -14.84
C LYS B 404 -38.67 -6.79 -15.49
N SER B 405 -37.78 -7.50 -14.77
CA SER B 405 -36.50 -7.80 -15.38
C SER B 405 -36.60 -8.97 -16.37
N ILE B 406 -35.65 -8.93 -17.29
CA ILE B 406 -35.36 -10.04 -18.17
C ILE B 406 -34.53 -11.05 -17.39
N GLY B 407 -33.60 -10.55 -16.60
CA GLY B 407 -32.48 -11.39 -16.18
C GLY B 407 -32.89 -12.45 -15.15
N ILE B 408 -34.04 -12.35 -14.50
CA ILE B 408 -34.53 -13.45 -13.69
C ILE B 408 -34.58 -14.77 -14.47
N ILE B 409 -34.68 -14.68 -15.80
CA ILE B 409 -34.73 -15.83 -16.72
C ILE B 409 -33.47 -16.69 -16.60
N THR B 410 -32.38 -16.12 -16.07
CA THR B 410 -31.15 -16.88 -15.85
C THR B 410 -31.43 -18.20 -15.13
N ALA B 411 -32.39 -18.17 -14.20
CA ALA B 411 -32.64 -19.31 -13.32
C ALA B 411 -33.13 -20.53 -14.11
N ILE B 412 -33.61 -20.36 -15.36
CA ILE B 412 -34.14 -21.50 -16.09
C ILE B 412 -33.06 -22.21 -16.92
N ASN B 413 -31.83 -21.66 -16.99
CA ASN B 413 -30.75 -22.28 -17.74
C ASN B 413 -30.53 -23.74 -17.38
N PRO B 414 -30.40 -24.14 -16.10
CA PRO B 414 -30.08 -25.52 -15.79
C PRO B 414 -31.22 -26.46 -16.20
N HIS B 415 -32.46 -25.96 -16.25
CA HIS B 415 -33.62 -26.78 -16.58
C HIS B 415 -33.73 -26.93 -18.09
N VAL B 416 -33.62 -25.82 -18.81
CA VAL B 416 -34.10 -25.72 -20.17
C VAL B 416 -33.00 -25.28 -21.12
N GLY B 417 -31.85 -24.80 -20.62
CA GLY B 417 -30.68 -24.51 -21.45
C GLY B 417 -30.54 -23.01 -21.69
N TYR B 418 -29.28 -22.55 -21.73
CA TYR B 418 -28.96 -21.14 -21.98
C TYR B 418 -29.46 -20.76 -23.38
N GLU B 419 -29.41 -21.67 -24.35
CA GLU B 419 -29.81 -21.35 -25.72
C GLU B 419 -31.28 -20.92 -25.75
N THR B 420 -32.19 -21.70 -25.13
CA THR B 420 -33.61 -21.37 -25.08
C THR B 420 -33.87 -20.08 -24.28
N ALA B 421 -33.26 -20.00 -23.10
CA ALA B 421 -33.42 -18.78 -22.29
C ALA B 421 -33.01 -17.54 -23.07
N SER B 422 -31.97 -17.64 -23.91
CA SER B 422 -31.48 -16.50 -24.70
C SER B 422 -32.55 -16.09 -25.71
N LYS B 423 -33.17 -17.09 -26.34
CA LYS B 423 -34.23 -16.78 -27.29
C LYS B 423 -35.36 -16.06 -26.57
N LEU B 424 -35.70 -16.55 -25.37
CA LEU B 424 -36.78 -15.91 -24.62
C LEU B 424 -36.38 -14.48 -24.25
N ALA B 425 -35.15 -14.30 -23.73
CA ALA B 425 -34.64 -13.01 -23.30
C ALA B 425 -34.70 -11.99 -24.44
N ARG B 426 -34.16 -12.37 -25.60
CA ARG B 426 -34.16 -11.46 -26.76
C ARG B 426 -35.58 -11.03 -27.14
N GLU B 427 -36.49 -12.01 -27.24
CA GLU B 427 -37.87 -11.71 -27.56
C GLU B 427 -38.46 -10.74 -26.55
N ALA B 428 -38.29 -11.02 -25.25
CA ALA B 428 -38.88 -10.20 -24.20
C ALA B 428 -38.33 -8.77 -24.28
N ASP B 429 -37.02 -8.65 -24.58
CA ASP B 429 -36.38 -7.36 -24.73
C ASP B 429 -36.94 -6.61 -25.94
N LEU B 430 -37.25 -7.31 -27.05
CA LEU B 430 -37.66 -6.60 -28.27
C LEU B 430 -39.13 -6.27 -28.24
N THR B 431 -39.96 -7.12 -27.60
CA THR B 431 -41.38 -6.83 -27.50
C THR B 431 -41.67 -5.94 -26.29
N GLY B 432 -40.84 -5.96 -25.24
CA GLY B 432 -41.20 -5.32 -24.00
C GLY B 432 -42.22 -6.11 -23.16
N GLU B 433 -42.38 -7.41 -23.44
CA GLU B 433 -43.23 -8.33 -22.69
C GLU B 433 -42.52 -8.85 -21.43
N SER B 434 -43.32 -9.46 -20.54
CA SER B 434 -42.80 -10.10 -19.35
C SER B 434 -42.26 -11.49 -19.68
N ILE B 435 -41.13 -11.82 -19.08
CA ILE B 435 -40.42 -13.02 -19.44
C ILE B 435 -41.23 -14.25 -18.98
N ARG B 436 -42.00 -14.10 -17.89
CA ARG B 436 -42.84 -15.16 -17.35
C ARG B 436 -43.90 -15.58 -18.38
N GLU B 437 -44.67 -14.58 -18.84
CA GLU B 437 -45.68 -14.74 -19.87
C GLU B 437 -45.13 -15.47 -21.09
N LEU B 438 -43.92 -15.13 -21.54
CA LEU B 438 -43.30 -15.78 -22.70
C LEU B 438 -42.98 -17.26 -22.43
N CYS B 439 -42.44 -17.57 -21.25
CA CYS B 439 -42.24 -18.96 -20.86
C CYS B 439 -43.50 -19.83 -20.93
N ILE B 440 -44.64 -19.23 -20.49
CA ILE B 440 -45.94 -19.86 -20.47
C ILE B 440 -46.45 -20.02 -21.90
N LYS B 441 -46.47 -18.91 -22.63
CA LYS B 441 -47.07 -18.89 -23.95
C LYS B 441 -46.30 -19.81 -24.91
N TYR B 442 -45.01 -20.11 -24.71
CA TYR B 442 -44.28 -20.98 -25.63
C TYR B 442 -44.15 -22.40 -25.11
N GLY B 443 -44.75 -22.68 -23.95
CA GLY B 443 -44.69 -24.01 -23.34
C GLY B 443 -43.28 -24.44 -22.99
N VAL B 444 -42.44 -23.50 -22.58
CA VAL B 444 -41.12 -23.87 -22.07
C VAL B 444 -41.25 -24.44 -20.66
N LEU B 445 -42.13 -23.82 -19.86
CA LEU B 445 -42.37 -24.22 -18.48
C LEU B 445 -43.85 -24.01 -18.16
N THR B 446 -44.35 -24.77 -17.16
CA THR B 446 -45.70 -24.57 -16.64
C THR B 446 -45.69 -23.42 -15.64
N GLU B 447 -46.86 -22.80 -15.50
CA GLU B 447 -47.13 -21.79 -14.49
C GLU B 447 -46.68 -22.25 -13.10
N GLU B 448 -46.88 -23.55 -12.78
CA GLU B 448 -46.55 -24.06 -11.46
C GLU B 448 -45.04 -24.11 -11.25
N GLN B 449 -44.30 -24.60 -12.25
CA GLN B 449 -42.87 -24.85 -12.04
C GLN B 449 -42.10 -23.52 -12.14
N LEU B 450 -42.59 -22.55 -12.93
CA LEU B 450 -41.93 -21.26 -12.92
C LEU B 450 -42.38 -20.38 -11.73
N ASN B 451 -43.48 -20.70 -11.01
CA ASN B 451 -43.73 -20.07 -9.72
C ASN B 451 -42.62 -20.37 -8.72
N GLU B 452 -42.06 -21.58 -8.73
CA GLU B 452 -40.91 -21.92 -7.89
C GLU B 452 -39.65 -21.32 -8.51
N ILE B 453 -39.42 -21.59 -9.80
CA ILE B 453 -38.12 -21.34 -10.42
C ILE B 453 -37.83 -19.83 -10.46
N LEU B 454 -38.84 -18.97 -10.73
CA LEU B 454 -38.62 -17.54 -10.91
C LEU B 454 -38.91 -16.81 -9.60
N ASN B 455 -38.82 -17.54 -8.49
CA ASN B 455 -38.93 -16.87 -7.21
C ASN B 455 -37.68 -15.99 -6.99
N PRO B 456 -37.78 -14.64 -6.95
CA PRO B 456 -36.56 -13.81 -6.95
C PRO B 456 -35.73 -13.90 -5.66
N TYR B 457 -36.39 -13.95 -4.50
CA TYR B 457 -35.76 -14.12 -3.20
C TYR B 457 -34.91 -15.40 -3.12
N GLU B 458 -35.36 -16.50 -3.74
CA GLU B 458 -34.64 -17.77 -3.69
C GLU B 458 -33.35 -17.73 -4.52
N MET B 459 -33.29 -16.87 -5.55
CA MET B 459 -32.12 -16.74 -6.43
C MET B 459 -30.96 -15.91 -5.82
N ILE B 460 -31.14 -15.46 -4.58
CA ILE B 460 -30.28 -14.57 -3.86
C ILE B 460 -29.21 -15.34 -3.07
N HIS B 461 -29.41 -16.66 -2.91
CA HIS B 461 -28.47 -17.57 -2.27
C HIS B 461 -28.20 -18.73 -3.24
N PRO B 462 -27.05 -19.43 -3.13
CA PRO B 462 -26.63 -20.35 -4.18
C PRO B 462 -27.59 -21.51 -4.42
N GLY B 463 -27.59 -22.04 -5.62
CA GLY B 463 -28.41 -23.18 -5.97
C GLY B 463 -28.96 -23.04 -7.39
N ILE B 464 -29.27 -24.20 -7.98
CA ILE B 464 -30.21 -24.38 -9.07
C ILE B 464 -31.60 -24.21 -8.48
N ALA B 465 -32.35 -23.25 -9.03
CA ALA B 465 -33.75 -23.02 -8.68
C ALA B 465 -34.52 -24.31 -8.96
N GLY B 466 -35.48 -24.67 -8.08
CA GLY B 466 -36.06 -26.01 -8.02
C GLY B 466 -35.61 -26.79 -6.79
C1 PGE C . 35.00 13.85 -3.25
O1 PGE C . 36.20 13.53 -3.85
C2 PGE C . 34.97 13.42 -1.83
O2 PGE C . 34.74 12.00 -1.71
C3 PGE C . 34.61 11.57 -0.35
C4 PGE C . 34.66 10.07 -0.22
O4 PGE C . 32.90 8.30 3.14
C6 PGE C . 34.25 8.61 3.15
C5 PGE C . 34.86 8.77 1.78
O3 PGE C . 34.13 9.73 1.06
NA NA D . 2.49 1.43 -16.74
NA NA E . -2.10 17.03 -1.40
#